data_1BZY
#
_entry.id   1BZY
#
_cell.length_a   52.960
_cell.length_b   102.010
_cell.length_c   144.270
_cell.angle_alpha   90.00
_cell.angle_beta   90.00
_cell.angle_gamma   90.00
#
_symmetry.space_group_name_H-M   'P 21 21 21'
#
loop_
_entity.id
_entity.type
_entity.pdbx_description
1 polymer 'HYPOXANTHINE-GUANINE PHOSPHORIBOSYLTRANSFERASE'
2 non-polymer 'MAGNESIUM ION'
3 non-polymer 'PHOSPHORIC ACID MONO-[5-(2-AMINO-4-OXO-4,5-DIHYDRO-3H-PYRROLO[3,2-D]PYRIMIDIN-7-YL)-3,4-DIHYDROXY-PYRROLIDIN-2-YLMETHYL] ESTER'
4 non-polymer 'PYROPHOSPHATE 2-'
5 water water
#
_entity_poly.entity_id   1
_entity_poly.type   'polypeptide(L)'
_entity_poly.pdbx_seq_one_letter_code
;ATRSPGVVISDDEPGYDLDLFCIPNHYAEDLERVFIPHGLIMDRTERLARDVMKEMGGHHIVALCVLKGGYKFFADLLDY
IKALNRNSDRSIPMTVDFIRLKSYCNDQSTGDIKVIGGDDLSTLTGKNVLIVEDIIDTGKTMQTLLSLVRQYNPKMVKVA
SLLVKRTPRSVGYKPDFVGFEIPDKFVVGYALDYNEYFRDLNHVCVISETGKAKYKA
;
_entity_poly.pdbx_strand_id   A,B,C,D
#
# COMPACT_ATOMS: atom_id res chain seq x y z
N SER A 4 -0.52 16.94 -21.28
CA SER A 4 0.80 16.31 -20.99
C SER A 4 0.99 15.03 -21.79
N PRO A 5 2.20 14.82 -22.34
CA PRO A 5 2.55 13.64 -23.14
C PRO A 5 2.90 12.43 -22.28
N GLY A 6 2.94 12.62 -20.97
CA GLY A 6 3.27 11.53 -20.08
C GLY A 6 4.78 11.36 -19.99
N VAL A 7 5.21 10.37 -19.23
CA VAL A 7 6.63 10.09 -19.06
C VAL A 7 7.17 9.48 -20.34
N VAL A 8 8.00 10.23 -21.07
CA VAL A 8 8.54 9.71 -22.32
C VAL A 8 9.76 8.83 -22.12
N ILE A 9 9.63 7.57 -22.49
CA ILE A 9 10.72 6.62 -22.37
C ILE A 9 11.45 6.57 -23.71
N SER A 10 12.75 6.84 -23.69
CA SER A 10 13.57 6.87 -24.90
C SER A 10 13.76 5.52 -25.57
N ASP A 11 14.04 5.58 -26.87
CA ASP A 11 14.27 4.41 -27.70
C ASP A 11 15.27 3.43 -27.08
N ASP A 12 16.44 3.95 -26.72
CA ASP A 12 17.48 3.10 -26.15
C ASP A 12 17.36 2.84 -24.64
N GLU A 13 16.20 3.12 -24.06
CA GLU A 13 16.00 2.89 -22.63
C GLU A 13 16.44 1.46 -22.30
N PRO A 14 17.39 1.29 -21.37
CA PRO A 14 17.86 -0.05 -20.99
C PRO A 14 16.99 -0.90 -20.07
N GLY A 15 16.12 -0.28 -19.28
CA GLY A 15 15.32 -1.08 -18.38
C GLY A 15 16.22 -1.56 -17.26
N TYR A 16 15.82 -2.57 -16.50
CA TYR A 16 16.65 -3.04 -15.39
C TYR A 16 16.91 -4.54 -15.38
N ASP A 17 18.07 -4.93 -14.89
CA ASP A 17 18.43 -6.32 -14.75
C ASP A 17 17.33 -6.89 -13.86
N LEU A 18 16.85 -8.10 -14.17
CA LEU A 18 15.80 -8.71 -13.36
C LEU A 18 16.27 -9.00 -11.93
N ASP A 19 17.58 -9.15 -11.77
CA ASP A 19 18.20 -9.46 -10.47
C ASP A 19 18.08 -8.33 -9.45
N LEU A 20 17.60 -7.17 -9.88
CA LEU A 20 17.48 -6.05 -8.97
C LEU A 20 16.08 -5.95 -8.38
N PHE A 21 15.15 -6.75 -8.89
CA PHE A 21 13.76 -6.73 -8.43
C PHE A 21 13.27 -8.13 -8.09
N CYS A 22 12.05 -8.19 -7.54
CA CYS A 22 11.43 -9.45 -7.19
C CYS A 22 10.44 -9.84 -8.30
N ILE A 23 10.76 -10.90 -9.03
CA ILE A 23 9.88 -11.33 -10.12
C ILE A 23 9.38 -12.76 -9.88
N PRO A 24 8.19 -13.09 -10.44
CA PRO A 24 7.59 -14.42 -10.29
C PRO A 24 8.54 -15.52 -10.76
N ASN A 25 8.73 -16.53 -9.91
CA ASN A 25 9.61 -17.63 -10.25
C ASN A 25 9.32 -18.24 -11.62
N HIS A 26 8.04 -18.45 -11.92
CA HIS A 26 7.68 -19.08 -13.20
C HIS A 26 7.98 -18.24 -14.44
N TYR A 27 8.48 -17.01 -14.25
CA TYR A 27 8.82 -16.18 -15.41
C TYR A 27 10.30 -15.83 -15.43
N ALA A 28 11.06 -16.44 -14.53
CA ALA A 28 12.49 -16.18 -14.42
C ALA A 28 13.27 -16.17 -15.73
N GLU A 29 12.98 -17.12 -16.62
CA GLU A 29 13.68 -17.21 -17.90
C GLU A 29 12.91 -16.62 -19.08
N ASP A 30 11.68 -16.17 -18.84
CA ASP A 30 10.84 -15.65 -19.91
C ASP A 30 10.88 -14.13 -20.13
N LEU A 31 11.61 -13.41 -19.27
CA LEU A 31 11.70 -11.96 -19.41
C LEU A 31 13.14 -11.50 -19.62
N GLU A 32 13.31 -10.37 -20.30
CA GLU A 32 14.63 -9.83 -20.58
C GLU A 32 15.05 -8.75 -19.59
N ARG A 33 14.16 -7.79 -19.36
CA ARG A 33 14.44 -6.69 -18.45
C ARG A 33 13.14 -6.17 -17.85
N VAL A 34 13.28 -5.44 -16.74
CA VAL A 34 12.13 -4.81 -16.11
C VAL A 34 12.13 -3.50 -16.89
N PHE A 35 11.01 -3.16 -17.52
CA PHE A 35 10.94 -1.93 -18.29
C PHE A 35 10.40 -0.75 -17.49
N ILE A 36 9.24 -0.94 -16.87
CA ILE A 36 8.66 0.11 -16.03
C ILE A 36 8.28 -0.53 -14.72
N PRO A 37 9.01 -0.19 -13.64
CA PRO A 37 8.74 -0.75 -12.30
C PRO A 37 7.32 -0.46 -11.82
N HIS A 38 6.71 -1.44 -11.17
CA HIS A 38 5.35 -1.31 -10.66
C HIS A 38 5.19 0.00 -9.88
N GLY A 39 6.14 0.26 -8.98
CA GLY A 39 6.10 1.46 -8.18
C GLY A 39 6.08 2.73 -8.98
N LEU A 40 6.78 2.73 -10.11
CA LEU A 40 6.83 3.89 -11.00
C LEU A 40 5.46 4.08 -11.66
N ILE A 41 4.80 2.97 -12.00
CA ILE A 41 3.48 3.03 -12.61
C ILE A 41 2.51 3.63 -11.60
N MET A 42 2.61 3.18 -10.35
CA MET A 42 1.76 3.70 -9.28
C MET A 42 1.94 5.20 -9.10
N ASP A 43 3.19 5.64 -9.04
CA ASP A 43 3.50 7.06 -8.85
C ASP A 43 2.90 7.89 -9.96
N ARG A 44 3.03 7.41 -11.20
CA ARG A 44 2.50 8.13 -12.35
C ARG A 44 0.98 8.14 -12.33
N THR A 45 0.40 7.00 -11.97
CA THR A 45 -1.04 6.86 -11.90
C THR A 45 -1.64 7.77 -10.83
N GLU A 46 -0.89 8.03 -9.75
CA GLU A 46 -1.40 8.91 -8.70
C GLU A 46 -1.63 10.29 -9.29
N ARG A 47 -0.66 10.78 -10.06
CA ARG A 47 -0.76 12.09 -10.68
C ARG A 47 -1.86 12.09 -11.75
N LEU A 48 -1.99 10.99 -12.49
CA LEU A 48 -3.02 10.89 -13.52
C LEU A 48 -4.42 11.03 -12.91
N ALA A 49 -4.61 10.45 -11.73
CA ALA A 49 -5.88 10.54 -11.02
C ALA A 49 -6.19 11.97 -10.61
N ARG A 50 -5.17 12.73 -10.23
CA ARG A 50 -5.38 14.13 -9.85
C ARG A 50 -5.69 14.96 -11.09
N ASP A 51 -5.14 14.54 -12.23
CA ASP A 51 -5.37 15.22 -13.50
C ASP A 51 -6.79 14.91 -13.97
N VAL A 52 -7.23 13.69 -13.73
CA VAL A 52 -8.58 13.31 -14.14
C VAL A 52 -9.57 14.10 -13.27
N MET A 53 -9.25 14.21 -11.98
CA MET A 53 -10.10 14.92 -11.04
C MET A 53 -10.15 16.41 -11.36
N LYS A 54 -9.05 16.92 -11.91
CA LYS A 54 -8.98 18.33 -12.26
C LYS A 54 -9.89 18.61 -13.46
N GLU A 55 -9.89 17.68 -14.41
CA GLU A 55 -10.68 17.80 -15.63
C GLU A 55 -12.16 17.41 -15.53
N MET A 56 -12.47 16.39 -14.74
CA MET A 56 -13.84 15.92 -14.62
C MET A 56 -14.33 15.80 -13.19
N GLY A 57 -13.56 16.35 -12.25
CA GLY A 57 -13.93 16.26 -10.85
C GLY A 57 -15.28 16.84 -10.47
N GLY A 58 -15.78 17.80 -11.23
CA GLY A 58 -17.05 18.39 -10.87
C GLY A 58 -18.26 17.60 -11.34
N HIS A 59 -18.05 16.37 -11.79
CA HIS A 59 -19.16 15.58 -12.29
C HIS A 59 -19.17 14.09 -12.01
N HIS A 60 -20.32 13.51 -12.30
CA HIS A 60 -20.62 12.10 -12.18
C HIS A 60 -19.96 11.47 -13.40
N ILE A 61 -19.10 10.47 -13.18
CA ILE A 61 -18.40 9.83 -14.30
C ILE A 61 -18.61 8.32 -14.39
N VAL A 62 -18.57 7.81 -15.61
CA VAL A 62 -18.70 6.38 -15.82
C VAL A 62 -17.33 5.91 -16.29
N ALA A 63 -16.64 5.13 -15.46
CA ALA A 63 -15.34 4.60 -15.83
C ALA A 63 -15.58 3.31 -16.58
N LEU A 64 -15.05 3.24 -17.81
CA LEU A 64 -15.20 2.07 -18.64
C LEU A 64 -13.88 1.32 -18.80
N CYS A 65 -13.79 0.14 -18.20
CA CYS A 65 -12.56 -0.65 -18.28
C CYS A 65 -12.50 -1.50 -19.54
N VAL A 66 -11.41 -1.33 -20.29
CA VAL A 66 -11.19 -2.10 -21.52
C VAL A 66 -10.46 -3.37 -21.12
N LEU A 67 -11.19 -4.48 -21.07
CA LEU A 67 -10.65 -5.78 -20.67
C LEU A 67 -9.91 -6.44 -21.84
N LYS A 68 -8.94 -7.31 -21.55
CA LYS A 68 -8.54 -7.67 -20.19
C LYS A 68 -7.34 -6.82 -19.79
N GLY A 69 -6.61 -6.34 -20.79
CA GLY A 69 -5.41 -5.57 -20.57
C GLY A 69 -5.41 -4.41 -19.60
N GLY A 70 -6.46 -3.59 -19.61
CA GLY A 70 -6.50 -2.47 -18.71
C GLY A 70 -7.02 -2.72 -17.31
N TYR A 71 -7.22 -3.98 -16.93
CA TYR A 71 -7.77 -4.30 -15.62
C TYR A 71 -6.94 -3.82 -14.41
N LYS A 72 -5.62 -3.88 -14.52
CA LYS A 72 -4.77 -3.45 -13.41
C LYS A 72 -4.72 -1.93 -13.31
N PHE A 73 -4.56 -1.27 -14.46
CA PHE A 73 -4.50 0.19 -14.49
C PHE A 73 -5.84 0.76 -14.04
N PHE A 74 -6.93 0.13 -14.48
CA PHE A 74 -8.28 0.57 -14.13
C PHE A 74 -8.52 0.50 -12.62
N ALA A 75 -8.11 -0.61 -12.00
CA ALA A 75 -8.30 -0.78 -10.56
C ALA A 75 -7.55 0.29 -9.79
N ASP A 76 -6.27 0.44 -10.12
CA ASP A 76 -5.39 1.40 -9.48
C ASP A 76 -5.75 2.86 -9.72
N LEU A 77 -6.09 3.21 -10.97
CA LEU A 77 -6.46 4.60 -11.28
C LEU A 77 -7.70 4.99 -10.50
N LEU A 78 -8.64 4.06 -10.40
CA LEU A 78 -9.87 4.32 -9.67
C LEU A 78 -9.61 4.37 -8.17
N ASP A 79 -8.67 3.57 -7.70
CA ASP A 79 -8.35 3.55 -6.27
C ASP A 79 -7.77 4.90 -5.85
N TYR A 80 -6.94 5.49 -6.71
CA TYR A 80 -6.34 6.80 -6.42
C TYR A 80 -7.42 7.87 -6.51
N ILE A 81 -8.36 7.72 -7.42
CA ILE A 81 -9.41 8.72 -7.54
C ILE A 81 -10.28 8.64 -6.28
N LYS A 82 -10.52 7.43 -5.78
CA LYS A 82 -11.32 7.24 -4.58
C LYS A 82 -10.62 7.88 -3.38
N ALA A 83 -9.30 7.73 -3.33
CA ALA A 83 -8.52 8.30 -2.24
C ALA A 83 -8.72 9.80 -2.19
N LEU A 84 -8.80 10.45 -3.35
CA LEU A 84 -8.99 11.89 -3.43
C LEU A 84 -10.42 12.20 -3.02
N ASN A 85 -11.35 11.37 -3.49
CA ASN A 85 -12.78 11.53 -3.20
C ASN A 85 -13.14 11.51 -1.71
N ARG A 86 -12.47 10.65 -0.94
CA ARG A 86 -12.77 10.54 0.49
C ARG A 86 -11.91 11.44 1.35
N ASN A 87 -10.98 12.17 0.74
CA ASN A 87 -10.10 13.05 1.49
C ASN A 87 -10.18 14.54 1.13
N SER A 88 -11.09 14.90 0.22
CA SER A 88 -11.23 16.30 -0.18
C SER A 88 -12.70 16.68 -0.36
N ASP A 89 -12.94 17.95 -0.63
CA ASP A 89 -14.29 18.48 -0.83
C ASP A 89 -14.81 18.07 -2.21
N ARG A 90 -13.87 17.91 -3.14
CA ARG A 90 -14.18 17.51 -4.52
C ARG A 90 -14.47 16.01 -4.56
N SER A 91 -15.55 15.62 -5.23
CA SER A 91 -15.93 14.22 -5.32
C SER A 91 -16.48 13.85 -6.70
N ILE A 92 -15.87 12.86 -7.34
CA ILE A 92 -16.32 12.40 -8.65
C ILE A 92 -17.06 11.07 -8.50
N PRO A 93 -18.32 11.11 -8.02
CA PRO A 93 -19.03 9.83 -7.88
C PRO A 93 -18.91 9.05 -9.19
N MET A 94 -18.39 7.83 -9.13
CA MET A 94 -18.23 7.01 -10.32
C MET A 94 -19.01 5.71 -10.33
N THR A 95 -19.49 5.33 -11.51
CA THR A 95 -20.16 4.06 -11.69
C THR A 95 -19.08 3.36 -12.51
N VAL A 96 -19.04 2.03 -12.48
CA VAL A 96 -17.98 1.36 -13.23
C VAL A 96 -18.53 0.30 -14.17
N ASP A 97 -18.03 0.34 -15.40
CA ASP A 97 -18.44 -0.59 -16.45
C ASP A 97 -17.24 -1.29 -17.07
N PHE A 98 -17.49 -2.39 -17.77
CA PHE A 98 -16.43 -3.14 -18.43
C PHE A 98 -16.82 -3.48 -19.88
N ILE A 99 -15.82 -3.58 -20.74
CA ILE A 99 -16.02 -3.96 -22.13
C ILE A 99 -14.78 -4.71 -22.56
N ARG A 100 -14.97 -5.87 -23.18
CA ARG A 100 -13.84 -6.67 -23.61
C ARG A 100 -13.69 -6.62 -25.13
N LEU A 101 -12.50 -6.23 -25.56
CA LEU A 101 -12.17 -6.16 -26.98
C LEU A 101 -10.95 -7.06 -27.17
N LYS A 102 -10.90 -7.80 -28.27
CA LYS A 102 -9.77 -8.69 -28.53
C LYS A 102 -9.32 -8.58 -29.97
N SER A 103 -8.00 -8.51 -30.19
CA SER A 103 -7.49 -8.40 -31.54
C SER A 103 -6.04 -8.84 -31.77
N TYR A 104 -5.33 -9.17 -30.69
CA TYR A 104 -3.93 -9.57 -30.83
C TYR A 104 -3.65 -11.06 -30.80
N CYS A 105 -2.61 -11.45 -31.53
CA CYS A 105 -2.15 -12.82 -31.61
C CYS A 105 -0.63 -12.67 -31.47
N ASN A 106 -0.08 -13.24 -30.41
CA ASN A 106 1.35 -13.11 -30.12
C ASN A 106 1.55 -11.61 -29.89
N ASP A 107 2.39 -10.96 -30.69
CA ASP A 107 2.62 -9.53 -30.53
C ASP A 107 2.05 -8.78 -31.72
N GLN A 108 1.11 -9.41 -32.40
CA GLN A 108 0.52 -8.84 -33.60
C GLN A 108 -0.99 -8.56 -33.57
N SER A 109 -1.36 -7.42 -34.13
CA SER A 109 -2.76 -7.00 -34.22
C SER A 109 -3.33 -7.57 -35.50
N THR A 110 -4.38 -8.38 -35.38
CA THR A 110 -5.03 -8.98 -36.53
C THR A 110 -5.77 -7.90 -37.30
N GLY A 111 -5.94 -6.73 -36.67
CA GLY A 111 -6.65 -5.64 -37.32
C GLY A 111 -8.15 -5.85 -37.25
N ASP A 112 -8.54 -7.04 -36.82
CA ASP A 112 -9.96 -7.40 -36.69
C ASP A 112 -10.37 -7.43 -35.22
N ILE A 113 -10.91 -6.33 -34.72
CA ILE A 113 -11.32 -6.27 -33.32
C ILE A 113 -12.63 -6.99 -33.06
N LYS A 114 -12.66 -7.77 -31.99
CA LYS A 114 -13.87 -8.49 -31.61
C LYS A 114 -14.37 -7.94 -30.29
N VAL A 115 -15.66 -7.64 -30.23
CA VAL A 115 -16.30 -7.12 -29.03
C VAL A 115 -16.92 -8.32 -28.32
N ILE A 116 -16.22 -8.85 -27.33
CA ILE A 116 -16.68 -10.04 -26.63
C ILE A 116 -17.77 -9.77 -25.61
N GLY A 117 -17.85 -8.53 -25.13
CA GLY A 117 -18.86 -8.21 -24.15
C GLY A 117 -18.80 -6.77 -23.72
N GLY A 118 -19.90 -6.03 -23.92
CA GLY A 118 -19.93 -4.63 -23.55
C GLY A 118 -21.11 -3.83 -24.08
N ASP A 119 -21.98 -4.47 -24.86
CA ASP A 119 -23.17 -3.84 -25.44
C ASP A 119 -23.86 -2.83 -24.52
N ASP A 120 -23.57 -2.93 -23.22
CA ASP A 120 -24.14 -2.04 -22.19
C ASP A 120 -24.00 -0.56 -22.56
N LEU A 121 -23.21 -0.28 -23.58
CA LEU A 121 -22.93 1.08 -24.03
C LEU A 121 -24.12 2.00 -24.27
N SER A 122 -25.32 1.44 -24.32
CA SER A 122 -26.52 2.25 -24.53
C SER A 122 -26.78 3.08 -23.27
N THR A 123 -26.30 2.59 -22.15
CA THR A 123 -26.48 3.27 -20.87
C THR A 123 -25.58 4.50 -20.74
N LEU A 124 -24.70 4.69 -21.72
CA LEU A 124 -23.76 5.81 -21.71
C LEU A 124 -24.36 7.13 -22.18
N THR A 125 -25.53 7.07 -22.81
CA THR A 125 -26.19 8.27 -23.30
C THR A 125 -26.23 9.39 -22.27
N GLY A 126 -25.74 10.56 -22.68
CA GLY A 126 -25.76 11.72 -21.81
C GLY A 126 -24.86 11.64 -20.59
N LYS A 127 -23.89 10.72 -20.59
CA LYS A 127 -23.00 10.58 -19.44
C LYS A 127 -21.57 10.97 -19.81
N ASN A 128 -20.80 11.27 -18.77
CA ASN A 128 -19.39 11.64 -18.92
C ASN A 128 -18.65 10.31 -18.81
N VAL A 129 -18.01 9.90 -19.88
CA VAL A 129 -17.30 8.62 -19.92
C VAL A 129 -15.78 8.72 -19.87
N LEU A 130 -15.18 7.92 -19.00
CA LEU A 130 -13.73 7.88 -18.86
C LEU A 130 -13.33 6.47 -19.25
N ILE A 131 -12.75 6.33 -20.43
CA ILE A 131 -12.31 5.03 -20.90
C ILE A 131 -10.91 4.82 -20.34
N VAL A 132 -10.68 3.65 -19.74
CA VAL A 132 -9.38 3.33 -19.16
C VAL A 132 -8.80 2.13 -19.90
N GLU A 133 -7.68 2.35 -20.57
CA GLU A 133 -7.03 1.32 -21.38
C GLU A 133 -5.57 1.11 -21.01
N ASP A 134 -5.02 -0.03 -21.39
CA ASP A 134 -3.62 -0.33 -21.09
C ASP A 134 -2.62 0.33 -22.02
N ILE A 135 -2.84 0.23 -23.32
CA ILE A 135 -1.91 0.84 -24.26
C ILE A 135 -2.50 1.12 -25.65
N ILE A 136 -2.02 2.19 -26.27
CA ILE A 136 -2.43 2.55 -27.62
C ILE A 136 -1.25 2.17 -28.49
N ASP A 137 -1.46 1.23 -29.40
CA ASP A 137 -0.41 0.75 -30.29
C ASP A 137 -0.71 1.25 -31.70
N THR A 138 -1.44 0.46 -32.48
CA THR A 138 -1.79 0.88 -33.84
C THR A 138 -2.93 1.88 -33.79
N GLY A 139 -3.66 1.88 -32.68
CA GLY A 139 -4.79 2.78 -32.51
C GLY A 139 -6.12 2.17 -32.94
N LYS A 140 -6.06 0.98 -33.52
CA LYS A 140 -7.25 0.30 -34.01
C LYS A 140 -8.30 0.03 -32.94
N THR A 141 -7.87 -0.47 -31.80
CA THR A 141 -8.78 -0.79 -30.71
C THR A 141 -9.55 0.42 -30.17
N MET A 142 -8.82 1.47 -29.83
CA MET A 142 -9.44 2.68 -29.29
C MET A 142 -10.30 3.37 -30.34
N GLN A 143 -9.90 3.21 -31.59
CA GLN A 143 -10.63 3.80 -32.70
C GLN A 143 -12.00 3.14 -32.76
N THR A 144 -11.99 1.81 -32.67
CA THR A 144 -13.22 1.05 -32.71
C THR A 144 -14.08 1.31 -31.49
N LEU A 145 -13.43 1.44 -30.34
CA LEU A 145 -14.16 1.66 -29.10
C LEU A 145 -14.86 3.02 -29.05
N LEU A 146 -14.16 4.08 -29.44
CA LEU A 146 -14.76 5.40 -29.43
C LEU A 146 -15.94 5.49 -30.39
N SER A 147 -15.84 4.72 -31.47
CA SER A 147 -16.90 4.69 -32.46
C SER A 147 -18.13 4.07 -31.83
N LEU A 148 -17.91 2.95 -31.15
CA LEU A 148 -18.98 2.22 -30.47
C LEU A 148 -19.66 3.10 -29.41
N VAL A 149 -18.83 3.73 -28.57
CA VAL A 149 -19.32 4.60 -27.50
C VAL A 149 -20.04 5.84 -28.02
N ARG A 150 -19.43 6.53 -28.98
CA ARG A 150 -20.00 7.74 -29.56
C ARG A 150 -21.36 7.48 -30.22
N GLN A 151 -21.60 6.22 -30.56
CA GLN A 151 -22.85 5.83 -31.20
C GLN A 151 -24.05 6.05 -30.29
N TYR A 152 -23.81 6.14 -28.99
CA TYR A 152 -24.89 6.31 -28.01
C TYR A 152 -24.97 7.72 -27.41
N ASN A 153 -24.33 8.66 -28.08
CA ASN A 153 -24.34 10.05 -27.66
C ASN A 153 -24.01 10.35 -26.19
N PRO A 154 -22.77 10.07 -25.78
CA PRO A 154 -22.40 10.34 -24.38
C PRO A 154 -22.22 11.85 -24.24
N LYS A 155 -22.36 12.38 -23.04
CA LYS A 155 -22.20 13.81 -22.83
C LYS A 155 -20.77 14.22 -23.15
N MET A 156 -19.82 13.36 -22.78
CA MET A 156 -18.42 13.62 -23.03
C MET A 156 -17.67 12.31 -22.85
N VAL A 157 -16.55 12.18 -23.56
CA VAL A 157 -15.72 10.98 -23.46
C VAL A 157 -14.26 11.38 -23.39
N LYS A 158 -13.54 10.78 -22.46
CA LYS A 158 -12.11 11.07 -22.31
C LYS A 158 -11.44 9.71 -22.24
N VAL A 159 -10.20 9.63 -22.72
CA VAL A 159 -9.47 8.37 -22.70
C VAL A 159 -8.19 8.47 -21.90
N ALA A 160 -8.02 7.53 -20.98
CA ALA A 160 -6.82 7.46 -20.15
C ALA A 160 -6.14 6.16 -20.54
N SER A 161 -4.93 6.27 -21.06
CA SER A 161 -4.18 5.09 -21.46
C SER A 161 -2.89 5.09 -20.67
N LEU A 162 -2.56 3.96 -20.03
CA LEU A 162 -1.33 3.91 -19.25
C LEU A 162 -0.13 4.16 -20.18
N LEU A 163 -0.13 3.49 -21.33
CA LEU A 163 0.96 3.61 -22.29
C LEU A 163 0.52 4.01 -23.69
N VAL A 164 1.46 4.61 -24.42
CA VAL A 164 1.25 5.01 -25.82
C VAL A 164 2.56 4.61 -26.50
N LYS A 165 2.46 3.74 -27.51
CA LYS A 165 3.64 3.26 -28.22
C LYS A 165 4.04 4.09 -29.42
N ARG A 166 5.33 4.42 -29.51
CA ARG A 166 5.85 5.16 -30.64
C ARG A 166 6.11 4.10 -31.71
N THR A 167 5.23 4.03 -32.70
CA THR A 167 5.37 3.03 -33.75
C THR A 167 4.91 3.57 -35.10
N PRO A 168 5.61 3.17 -36.18
CA PRO A 168 5.22 3.64 -37.51
C PRO A 168 3.81 3.14 -37.86
N ARG A 169 3.44 2.00 -37.29
CA ARG A 169 2.11 1.42 -37.54
C ARG A 169 1.00 2.26 -36.91
N SER A 170 1.37 3.12 -35.97
CA SER A 170 0.40 3.98 -35.28
C SER A 170 -0.45 4.80 -36.23
N VAL A 171 -1.71 5.00 -35.86
CA VAL A 171 -2.65 5.78 -36.66
C VAL A 171 -2.46 7.26 -36.32
N GLY A 172 -2.01 7.52 -35.10
CA GLY A 172 -1.80 8.89 -34.67
C GLY A 172 -2.71 9.38 -33.55
N TYR A 173 -3.49 8.47 -32.98
CA TYR A 173 -4.39 8.84 -31.89
C TYR A 173 -3.67 9.18 -30.59
N LYS A 174 -4.11 10.25 -29.94
CA LYS A 174 -3.54 10.70 -28.67
C LYS A 174 -4.58 10.74 -27.56
N PRO A 175 -4.40 9.94 -26.51
CA PRO A 175 -5.37 9.93 -25.40
C PRO A 175 -5.39 11.25 -24.63
N ASP A 176 -6.38 11.42 -23.76
CA ASP A 176 -6.50 12.63 -22.96
C ASP A 176 -5.53 12.56 -21.76
N PHE A 177 -5.25 11.34 -21.31
CA PHE A 177 -4.34 11.12 -20.20
C PHE A 177 -3.43 9.98 -20.60
N VAL A 178 -2.12 10.20 -20.45
CA VAL A 178 -1.15 9.19 -20.81
C VAL A 178 -0.12 8.99 -19.71
N GLY A 179 0.09 7.75 -19.33
CA GLY A 179 1.07 7.46 -18.29
C GLY A 179 2.49 7.54 -18.82
N PHE A 180 2.82 6.66 -19.76
CA PHE A 180 4.16 6.62 -20.35
C PHE A 180 4.10 6.43 -21.86
N GLU A 181 5.05 7.06 -22.56
CA GLU A 181 5.14 6.91 -23.99
C GLU A 181 6.38 6.03 -24.13
N ILE A 182 6.19 4.85 -24.71
CA ILE A 182 7.28 3.90 -24.86
C ILE A 182 7.75 3.66 -26.29
N PRO A 183 8.93 3.04 -26.44
CA PRO A 183 9.49 2.74 -27.77
C PRO A 183 8.70 1.59 -28.39
N ASP A 184 8.99 1.26 -29.65
CA ASP A 184 8.30 0.18 -30.33
C ASP A 184 8.73 -1.18 -29.85
N LYS A 185 8.26 -1.55 -28.65
CA LYS A 185 8.58 -2.84 -28.07
C LYS A 185 7.30 -3.46 -27.53
N PHE A 186 7.20 -4.78 -27.61
CA PHE A 186 6.01 -5.45 -27.10
C PHE A 186 6.19 -5.78 -25.62
N VAL A 187 5.69 -4.89 -24.78
CA VAL A 187 5.77 -5.03 -23.34
C VAL A 187 4.70 -5.96 -22.77
N VAL A 188 5.00 -6.53 -21.61
CA VAL A 188 4.09 -7.44 -20.92
C VAL A 188 4.09 -7.09 -19.43
N GLY A 189 3.14 -7.65 -18.69
CA GLY A 189 3.06 -7.38 -17.27
C GLY A 189 2.02 -6.33 -16.90
N TYR A 190 1.67 -6.27 -15.62
CA TYR A 190 0.68 -5.32 -15.15
C TYR A 190 -0.61 -5.47 -15.98
N ALA A 191 -1.04 -6.73 -16.14
CA ALA A 191 -2.25 -7.11 -16.88
C ALA A 191 -2.05 -7.21 -18.39
N LEU A 192 -0.93 -6.67 -18.90
CA LEU A 192 -0.64 -6.75 -20.33
C LEU A 192 -0.02 -8.12 -20.59
N ASP A 193 -0.63 -8.87 -21.50
CA ASP A 193 -0.20 -10.24 -21.79
C ASP A 193 0.46 -10.49 -23.14
N TYR A 194 0.88 -11.74 -23.28
CA TYR A 194 1.46 -12.27 -24.49
C TYR A 194 0.76 -13.64 -24.54
N ASN A 195 -0.31 -13.72 -25.33
CA ASN A 195 -1.06 -14.96 -25.43
C ASN A 195 -1.56 -15.42 -24.07
N GLU A 196 -2.11 -14.46 -23.31
CA GLU A 196 -2.66 -14.70 -21.97
C GLU A 196 -1.63 -14.84 -20.85
N TYR A 197 -0.35 -14.95 -21.20
CA TYR A 197 0.68 -15.06 -20.18
C TYR A 197 1.21 -13.69 -19.78
N PHE A 198 1.83 -13.62 -18.60
CA PHE A 198 2.41 -12.38 -18.07
C PHE A 198 1.45 -11.36 -17.46
N ARG A 199 0.16 -11.71 -17.36
CA ARG A 199 -0.79 -10.78 -16.75
C ARG A 199 -0.52 -10.75 -15.24
N ASP A 200 -0.19 -11.90 -14.69
CA ASP A 200 0.10 -12.03 -13.26
C ASP A 200 1.56 -11.64 -13.01
N LEU A 201 1.88 -10.40 -13.33
CA LEU A 201 3.22 -9.83 -13.19
C LEU A 201 3.03 -8.35 -12.89
N ASN A 202 3.63 -7.89 -11.80
CA ASN A 202 3.49 -6.51 -11.38
C ASN A 202 4.23 -5.46 -12.20
N HIS A 203 5.43 -5.78 -12.65
CA HIS A 203 6.22 -4.83 -13.43
C HIS A 203 5.97 -4.97 -14.93
N VAL A 204 6.11 -3.87 -15.67
CA VAL A 204 5.98 -3.95 -17.12
C VAL A 204 7.39 -4.31 -17.57
N CYS A 205 7.53 -5.46 -18.23
CA CYS A 205 8.82 -5.94 -18.69
C CYS A 205 8.88 -6.21 -20.20
N VAL A 206 10.07 -6.52 -20.66
CA VAL A 206 10.28 -6.85 -22.07
C VAL A 206 10.46 -8.38 -22.08
N ILE A 207 9.88 -9.05 -23.08
CA ILE A 207 9.96 -10.51 -23.17
C ILE A 207 11.32 -11.00 -23.64
N SER A 208 11.76 -12.14 -23.10
CA SER A 208 13.03 -12.73 -23.52
C SER A 208 12.76 -13.62 -24.74
N GLU A 209 13.81 -14.00 -25.46
CA GLU A 209 13.63 -14.81 -26.66
C GLU A 209 13.08 -16.19 -26.34
N THR A 210 13.45 -16.69 -25.16
CA THR A 210 12.96 -18.00 -24.73
C THR A 210 11.49 -17.88 -24.35
N GLY A 211 11.12 -16.74 -23.77
CA GLY A 211 9.74 -16.53 -23.39
C GLY A 211 8.82 -16.46 -24.59
N LYS A 212 9.26 -15.78 -25.64
CA LYS A 212 8.48 -15.65 -26.86
C LYS A 212 8.18 -17.01 -27.49
N ALA A 213 9.20 -17.86 -27.53
CA ALA A 213 9.10 -19.20 -28.11
C ALA A 213 8.29 -20.16 -27.27
N LYS A 214 8.43 -20.08 -25.96
CA LYS A 214 7.69 -20.96 -25.07
C LYS A 214 6.19 -20.62 -25.02
N TYR A 215 5.87 -19.35 -25.10
CA TYR A 215 4.49 -18.91 -25.02
C TYR A 215 3.84 -18.51 -26.34
N LYS A 216 4.55 -18.74 -27.45
CA LYS A 216 4.04 -18.41 -28.77
C LYS A 216 2.73 -19.17 -29.07
N ALA A 217 1.87 -18.57 -29.89
CA ALA A 217 0.60 -19.19 -30.27
C ALA A 217 0.71 -19.84 -31.65
N SER B 4 -13.97 -24.03 7.54
CA SER B 4 -14.08 -22.78 8.34
C SER B 4 -15.04 -21.79 7.71
N PRO B 5 -15.74 -21.00 8.55
CA PRO B 5 -16.73 -19.99 8.15
C PRO B 5 -16.11 -18.61 7.89
N GLY B 6 -14.81 -18.47 8.17
CA GLY B 6 -14.14 -17.21 7.98
C GLY B 6 -14.28 -16.32 9.20
N VAL B 7 -14.04 -15.02 9.04
CA VAL B 7 -14.17 -14.08 10.15
C VAL B 7 -15.66 -13.86 10.36
N VAL B 8 -16.18 -14.35 11.47
CA VAL B 8 -17.60 -14.23 11.77
C VAL B 8 -18.01 -12.91 12.38
N ILE B 9 -18.88 -12.18 11.67
CA ILE B 9 -19.39 -10.92 12.16
C ILE B 9 -20.82 -11.16 12.64
N SER B 10 -21.00 -11.35 13.94
CA SER B 10 -22.30 -11.62 14.54
C SER B 10 -23.32 -10.52 14.29
N ASP B 11 -24.60 -10.86 14.45
CA ASP B 11 -25.69 -9.91 14.24
C ASP B 11 -25.67 -8.79 15.27
N ASP B 12 -24.72 -8.85 16.20
CA ASP B 12 -24.61 -7.83 17.23
C ASP B 12 -23.60 -6.77 16.85
N GLU B 13 -22.52 -7.19 16.19
CA GLU B 13 -21.46 -6.27 15.77
C GLU B 13 -22.10 -4.96 15.33
N PRO B 14 -21.80 -3.86 16.05
CA PRO B 14 -22.35 -2.53 15.75
C PRO B 14 -21.75 -1.83 14.54
N GLY B 15 -20.58 -2.26 14.09
CA GLY B 15 -19.94 -1.59 12.97
C GLY B 15 -19.34 -0.30 13.49
N TYR B 16 -18.98 0.62 12.58
CA TYR B 16 -18.38 1.89 13.02
C TYR B 16 -19.06 3.13 12.48
N ASP B 17 -19.01 4.19 13.30
CA ASP B 17 -19.58 5.47 12.94
C ASP B 17 -18.80 6.01 11.74
N LEU B 18 -19.51 6.51 10.75
CA LEU B 18 -18.90 7.04 9.54
C LEU B 18 -17.84 8.12 9.83
N ASP B 19 -18.05 8.86 10.92
CA ASP B 19 -17.14 9.93 11.32
C ASP B 19 -15.77 9.44 11.78
N LEU B 20 -15.64 8.14 12.04
CA LEU B 20 -14.36 7.59 12.49
C LEU B 20 -13.41 7.23 11.35
N PHE B 21 -13.90 7.34 10.11
CA PHE B 21 -13.08 7.01 8.95
C PHE B 21 -13.23 8.05 7.87
N CYS B 22 -12.59 7.81 6.74
CA CYS B 22 -12.70 8.73 5.61
C CYS B 22 -13.65 8.11 4.61
N ILE B 23 -14.80 8.75 4.41
CA ILE B 23 -15.75 8.26 3.44
C ILE B 23 -16.15 9.43 2.56
N PRO B 24 -16.37 9.18 1.26
CA PRO B 24 -16.77 10.23 0.31
C PRO B 24 -18.02 10.98 0.75
N ASN B 25 -17.92 12.30 0.74
CA ASN B 25 -19.04 13.13 1.17
C ASN B 25 -20.32 12.93 0.38
N HIS B 26 -20.22 12.56 -0.89
CA HIS B 26 -21.42 12.36 -1.70
C HIS B 26 -22.19 11.10 -1.28
N TYR B 27 -21.58 10.32 -0.40
CA TYR B 27 -22.18 9.08 0.07
C TYR B 27 -22.57 9.06 1.56
N ALA B 28 -22.03 10.00 2.33
CA ALA B 28 -22.32 10.08 3.77
C ALA B 28 -23.81 10.01 4.01
N GLU B 29 -24.54 10.89 3.32
CA GLU B 29 -25.99 10.98 3.41
C GLU B 29 -26.62 9.60 3.31
N ASP B 30 -26.10 8.80 2.36
CA ASP B 30 -26.65 7.47 2.06
C ASP B 30 -26.07 6.24 2.75
N LEU B 31 -25.14 6.42 3.67
CA LEU B 31 -24.54 5.28 4.37
C LEU B 31 -24.85 5.36 5.85
N GLU B 32 -25.09 4.20 6.46
CA GLU B 32 -25.40 4.18 7.89
C GLU B 32 -24.19 3.94 8.77
N ARG B 33 -23.32 3.02 8.38
CA ARG B 33 -22.14 2.72 9.18
C ARG B 33 -21.07 2.03 8.34
N VAL B 34 -19.84 2.07 8.82
CA VAL B 34 -18.74 1.39 8.14
C VAL B 34 -18.81 0.00 8.76
N PHE B 35 -19.00 -1.02 7.92
CA PHE B 35 -19.10 -2.40 8.40
C PHE B 35 -17.78 -3.16 8.42
N ILE B 36 -17.10 -3.18 7.28
CA ILE B 36 -15.82 -3.86 7.19
C ILE B 36 -14.83 -2.90 6.54
N PRO B 37 -13.95 -2.29 7.34
CA PRO B 37 -12.96 -1.35 6.78
C PRO B 37 -12.05 -2.03 5.77
N HIS B 38 -11.75 -1.29 4.71
CA HIS B 38 -10.89 -1.75 3.63
C HIS B 38 -9.61 -2.44 4.13
N GLY B 39 -8.95 -1.82 5.11
CA GLY B 39 -7.74 -2.39 5.66
C GLY B 39 -7.96 -3.79 6.23
N LEU B 40 -9.11 -4.00 6.85
CA LEU B 40 -9.43 -5.31 7.41
C LEU B 40 -9.62 -6.32 6.28
N ILE B 41 -10.30 -5.90 5.21
CA ILE B 41 -10.54 -6.76 4.07
C ILE B 41 -9.17 -7.18 3.53
N MET B 42 -8.25 -6.22 3.46
CA MET B 42 -6.92 -6.50 2.96
C MET B 42 -6.19 -7.54 3.80
N ASP B 43 -6.23 -7.37 5.12
CA ASP B 43 -5.56 -8.30 6.02
C ASP B 43 -6.13 -9.71 5.88
N ARG B 44 -7.45 -9.79 5.77
CA ARG B 44 -8.10 -11.08 5.65
C ARG B 44 -7.77 -11.72 4.30
N THR B 45 -7.72 -10.88 3.26
CA THR B 45 -7.42 -11.36 1.92
C THR B 45 -5.99 -11.87 1.81
N GLU B 46 -5.06 -11.26 2.54
CA GLU B 46 -3.66 -11.68 2.52
C GLU B 46 -3.57 -13.10 3.02
N ARG B 47 -4.38 -13.42 4.02
CA ARG B 47 -4.40 -14.76 4.59
C ARG B 47 -5.06 -15.73 3.60
N LEU B 48 -6.17 -15.30 3.02
CA LEU B 48 -6.90 -16.11 2.04
C LEU B 48 -5.97 -16.47 0.87
N ALA B 49 -5.10 -15.54 0.50
CA ALA B 49 -4.15 -15.76 -0.59
C ALA B 49 -3.18 -16.89 -0.21
N ARG B 50 -2.75 -16.89 1.05
CA ARG B 50 -1.84 -17.92 1.53
C ARG B 50 -2.59 -19.25 1.60
N ASP B 51 -3.89 -19.19 1.84
CA ASP B 51 -4.72 -20.39 1.93
C ASP B 51 -4.87 -20.99 0.52
N VAL B 52 -5.05 -20.11 -0.46
CA VAL B 52 -5.21 -20.53 -1.85
C VAL B 52 -3.90 -21.16 -2.32
N MET B 53 -2.79 -20.54 -1.93
CA MET B 53 -1.46 -21.00 -2.31
C MET B 53 -1.20 -22.38 -1.74
N LYS B 54 -1.70 -22.64 -0.54
CA LYS B 54 -1.50 -23.92 0.09
C LYS B 54 -2.35 -24.99 -0.58
N GLU B 55 -3.56 -24.62 -0.96
CA GLU B 55 -4.49 -25.53 -1.59
C GLU B 55 -4.18 -25.83 -3.05
N MET B 56 -3.83 -24.81 -3.82
CA MET B 56 -3.56 -24.99 -5.23
C MET B 56 -2.14 -24.68 -5.66
N GLY B 57 -1.30 -24.34 -4.69
CA GLY B 57 0.09 -23.99 -4.95
C GLY B 57 0.81 -24.64 -6.12
N GLY B 58 0.99 -25.95 -6.06
CA GLY B 58 1.72 -26.63 -7.12
C GLY B 58 1.02 -26.78 -8.46
N HIS B 59 0.11 -25.88 -8.78
CA HIS B 59 -0.63 -25.98 -10.05
C HIS B 59 -0.77 -24.66 -10.80
N HIS B 60 -1.09 -24.76 -12.09
CA HIS B 60 -1.31 -23.58 -12.92
C HIS B 60 -2.81 -23.38 -12.71
N ILE B 61 -3.19 -22.13 -12.56
CA ILE B 61 -4.58 -21.83 -12.29
C ILE B 61 -5.18 -20.81 -13.25
N VAL B 62 -6.49 -20.84 -13.36
CA VAL B 62 -7.21 -19.88 -14.18
C VAL B 62 -8.07 -19.18 -13.15
N ALA B 63 -7.79 -17.90 -12.91
CA ALA B 63 -8.57 -17.12 -11.95
C ALA B 63 -9.73 -16.49 -12.70
N LEU B 64 -10.96 -16.87 -12.32
CA LEU B 64 -12.16 -16.36 -12.98
C LEU B 64 -12.89 -15.33 -12.12
N CYS B 65 -12.87 -14.09 -12.58
CA CYS B 65 -13.51 -12.98 -11.88
C CYS B 65 -14.99 -12.84 -12.20
N VAL B 66 -15.85 -12.91 -11.19
CA VAL B 66 -17.28 -12.75 -11.39
C VAL B 66 -17.62 -11.25 -11.36
N LEU B 67 -17.79 -10.66 -12.52
CA LEU B 67 -18.12 -9.23 -12.65
C LEU B 67 -19.61 -8.96 -12.31
N LYS B 68 -19.93 -7.77 -11.82
CA LYS B 68 -18.95 -6.70 -11.58
C LYS B 68 -18.47 -6.72 -10.14
N GLY B 69 -19.36 -7.08 -9.23
CA GLY B 69 -19.04 -7.07 -7.80
C GLY B 69 -17.74 -7.69 -7.29
N GLY B 70 -17.22 -8.69 -7.98
CA GLY B 70 -16.00 -9.30 -7.49
C GLY B 70 -14.69 -8.69 -7.97
N TYR B 71 -14.78 -7.66 -8.81
CA TYR B 71 -13.60 -7.04 -9.39
C TYR B 71 -12.53 -6.56 -8.39
N LYS B 72 -12.94 -5.91 -7.30
CA LYS B 72 -11.98 -5.42 -6.30
C LYS B 72 -11.31 -6.59 -5.58
N PHE B 73 -12.10 -7.51 -5.07
CA PHE B 73 -11.56 -8.67 -4.36
C PHE B 73 -10.66 -9.47 -5.28
N PHE B 74 -11.07 -9.55 -6.54
CA PHE B 74 -10.32 -10.30 -7.54
C PHE B 74 -8.95 -9.67 -7.75
N ALA B 75 -8.92 -8.36 -7.90
CA ALA B 75 -7.67 -7.64 -8.10
C ALA B 75 -6.74 -7.79 -6.90
N ASP B 76 -7.26 -7.57 -5.70
CA ASP B 76 -6.47 -7.65 -4.49
C ASP B 76 -6.02 -9.07 -4.15
N LEU B 77 -6.91 -10.03 -4.29
CA LEU B 77 -6.53 -11.41 -3.98
C LEU B 77 -5.38 -11.87 -4.87
N LEU B 78 -5.45 -11.52 -6.15
CA LEU B 78 -4.41 -11.90 -7.10
C LEU B 78 -3.09 -11.19 -6.83
N ASP B 79 -3.18 -9.97 -6.28
CA ASP B 79 -1.98 -9.21 -5.96
C ASP B 79 -1.23 -9.89 -4.82
N TYR B 80 -1.98 -10.35 -3.83
CA TYR B 80 -1.39 -11.02 -2.67
C TYR B 80 -0.79 -12.36 -3.08
N ILE B 81 -1.43 -13.04 -4.04
CA ILE B 81 -0.91 -14.32 -4.51
C ILE B 81 0.36 -14.00 -5.33
N LYS B 82 0.33 -12.90 -6.07
CA LYS B 82 1.48 -12.49 -6.88
C LYS B 82 2.67 -12.17 -5.97
N ALA B 83 2.39 -11.59 -4.81
CA ALA B 83 3.41 -11.24 -3.83
C ALA B 83 4.12 -12.49 -3.35
N LEU B 84 3.32 -13.53 -3.13
CA LEU B 84 3.86 -14.82 -2.67
C LEU B 84 4.67 -15.45 -3.78
N ASN B 85 4.16 -15.36 -5.01
CA ASN B 85 4.82 -15.94 -6.17
C ASN B 85 6.21 -15.40 -6.43
N ARG B 86 6.43 -14.13 -6.11
CA ARG B 86 7.73 -13.51 -6.35
C ARG B 86 8.62 -13.41 -5.10
N ASN B 87 8.14 -13.91 -3.96
CA ASN B 87 8.91 -13.85 -2.72
C ASN B 87 9.03 -15.19 -2.01
N SER B 88 8.63 -16.26 -2.68
CA SER B 88 8.71 -17.58 -2.10
C SER B 88 9.13 -18.63 -3.12
N ASP B 89 9.24 -19.87 -2.65
CA ASP B 89 9.62 -21.00 -3.49
C ASP B 89 8.36 -21.44 -4.23
N ARG B 90 7.24 -21.31 -3.54
CA ARG B 90 5.94 -21.65 -4.09
C ARG B 90 5.67 -20.73 -5.27
N SER B 91 4.87 -21.20 -6.21
CA SER B 91 4.54 -20.39 -7.38
C SER B 91 3.28 -20.89 -8.05
N ILE B 92 2.22 -20.09 -7.97
CA ILE B 92 0.97 -20.46 -8.63
C ILE B 92 0.85 -19.63 -9.91
N PRO B 93 1.25 -20.19 -11.05
CA PRO B 93 1.15 -19.45 -12.32
C PRO B 93 -0.33 -19.20 -12.61
N MET B 94 -0.69 -18.00 -13.07
CA MET B 94 -2.09 -17.68 -13.32
C MET B 94 -2.46 -17.01 -14.63
N THR B 95 -3.63 -17.36 -15.16
CA THR B 95 -4.16 -16.71 -16.35
C THR B 95 -5.43 -16.09 -15.79
N VAL B 96 -5.88 -14.96 -16.33
CA VAL B 96 -7.08 -14.35 -15.79
C VAL B 96 -8.23 -14.31 -16.78
N ASP B 97 -9.41 -14.67 -16.28
CA ASP B 97 -10.61 -14.68 -17.08
C ASP B 97 -11.68 -13.86 -16.37
N PHE B 98 -12.65 -13.40 -17.14
CA PHE B 98 -13.74 -12.62 -16.59
C PHE B 98 -15.09 -13.13 -17.11
N ILE B 99 -16.11 -13.01 -16.28
CA ILE B 99 -17.46 -13.39 -16.66
C ILE B 99 -18.37 -12.51 -15.83
N ARG B 100 -19.43 -12.00 -16.44
CA ARG B 100 -20.36 -11.14 -15.74
C ARG B 100 -21.71 -11.80 -15.64
N LEU B 101 -22.25 -11.84 -14.43
CA LEU B 101 -23.56 -12.39 -14.17
C LEU B 101 -24.38 -11.28 -13.50
N LYS B 102 -25.67 -11.21 -13.83
CA LYS B 102 -26.55 -10.19 -13.27
C LYS B 102 -27.90 -10.81 -12.86
N SER B 103 -28.40 -10.39 -11.70
CA SER B 103 -29.67 -10.92 -11.20
C SER B 103 -30.28 -10.09 -10.08
N TYR B 104 -29.57 -9.06 -9.60
CA TYR B 104 -30.08 -8.25 -8.52
C TYR B 104 -30.66 -6.90 -8.94
N CYS B 105 -31.78 -6.54 -8.30
CA CYS B 105 -32.43 -5.26 -8.53
C CYS B 105 -32.67 -4.74 -7.14
N ASN B 106 -32.13 -3.56 -6.85
CA ASN B 106 -32.23 -2.97 -5.52
C ASN B 106 -31.42 -3.86 -4.56
N ASP B 107 -32.04 -4.27 -3.46
CA ASP B 107 -31.36 -5.10 -2.48
C ASP B 107 -31.83 -6.55 -2.56
N GLN B 108 -32.43 -6.91 -3.69
CA GLN B 108 -32.94 -8.27 -3.86
C GLN B 108 -32.61 -8.90 -5.21
N SER B 109 -32.51 -10.23 -5.19
CA SER B 109 -32.24 -11.00 -6.39
C SER B 109 -33.59 -11.18 -7.10
N THR B 110 -33.59 -11.04 -8.41
CA THR B 110 -34.82 -11.21 -9.17
C THR B 110 -35.11 -12.69 -9.38
N GLY B 111 -34.11 -13.51 -9.09
CA GLY B 111 -34.24 -14.95 -9.23
C GLY B 111 -33.77 -15.45 -10.57
N ASP B 112 -33.51 -14.51 -11.49
CA ASP B 112 -33.07 -14.84 -12.84
C ASP B 112 -31.64 -14.37 -13.06
N ILE B 113 -30.71 -15.33 -13.09
CA ILE B 113 -29.31 -15.02 -13.30
C ILE B 113 -28.97 -15.02 -14.80
N LYS B 114 -28.53 -13.87 -15.30
CA LYS B 114 -28.17 -13.76 -16.70
C LYS B 114 -26.66 -13.62 -16.91
N VAL B 115 -26.15 -14.27 -17.96
CA VAL B 115 -24.74 -14.19 -18.29
C VAL B 115 -24.63 -13.06 -19.29
N ILE B 116 -24.20 -11.89 -18.82
CA ILE B 116 -24.06 -10.74 -19.69
C ILE B 116 -22.80 -10.85 -20.54
N GLY B 117 -22.54 -12.06 -21.04
CA GLY B 117 -21.38 -12.29 -21.88
C GLY B 117 -20.16 -12.82 -21.14
N GLY B 118 -19.34 -13.56 -21.86
CA GLY B 118 -18.13 -14.12 -21.27
C GLY B 118 -18.21 -15.62 -21.08
N ASP B 119 -19.23 -16.24 -21.70
CA ASP B 119 -19.42 -17.68 -21.58
C ASP B 119 -18.24 -18.46 -22.17
N ASP B 120 -17.08 -17.80 -22.26
CA ASP B 120 -15.87 -18.44 -22.80
C ASP B 120 -15.39 -19.53 -21.85
N LEU B 121 -16.34 -20.11 -21.13
CA LEU B 121 -16.09 -21.18 -20.16
C LEU B 121 -15.64 -22.48 -20.82
N SER B 122 -15.79 -22.58 -22.14
CA SER B 122 -15.41 -23.78 -22.87
C SER B 122 -13.90 -24.00 -22.85
N THR B 123 -13.15 -22.94 -22.58
CA THR B 123 -11.69 -23.01 -22.53
C THR B 123 -11.19 -23.56 -21.20
N LEU B 124 -12.09 -23.72 -20.24
CA LEU B 124 -11.74 -24.21 -18.91
C LEU B 124 -11.55 -25.73 -18.83
N THR B 125 -11.80 -26.44 -19.92
CA THR B 125 -11.66 -27.89 -19.94
C THR B 125 -10.27 -28.38 -19.52
N GLY B 126 -10.25 -29.20 -18.47
CA GLY B 126 -9.01 -29.75 -17.97
C GLY B 126 -8.16 -28.77 -17.18
N LYS B 127 -8.71 -27.60 -16.90
CA LYS B 127 -7.98 -26.59 -16.15
C LYS B 127 -8.40 -26.51 -14.69
N ASN B 128 -7.54 -25.91 -13.87
CA ASN B 128 -7.81 -25.71 -12.46
C ASN B 128 -8.39 -24.31 -12.40
N VAL B 129 -9.63 -24.20 -11.95
CA VAL B 129 -10.29 -22.90 -11.91
C VAL B 129 -10.52 -22.37 -10.51
N LEU B 130 -10.12 -21.13 -10.30
CA LEU B 130 -10.31 -20.44 -9.04
C LEU B 130 -11.32 -19.34 -9.35
N ILE B 131 -12.55 -19.51 -8.86
CA ILE B 131 -13.59 -18.50 -9.08
C ILE B 131 -13.54 -17.53 -7.91
N VAL B 132 -13.50 -16.24 -8.23
CA VAL B 132 -13.44 -15.17 -7.23
C VAL B 132 -14.70 -14.31 -7.29
N GLU B 133 -15.49 -14.35 -6.21
CA GLU B 133 -16.74 -13.62 -6.15
C GLU B 133 -16.81 -12.71 -4.92
N ASP B 134 -17.70 -11.71 -4.96
CA ASP B 134 -17.86 -10.78 -3.85
C ASP B 134 -18.63 -11.33 -2.65
N ILE B 135 -19.80 -11.90 -2.89
CA ILE B 135 -20.61 -12.39 -1.78
C ILE B 135 -21.58 -13.49 -2.16
N ILE B 136 -21.74 -14.46 -1.26
CA ILE B 136 -22.70 -15.54 -1.48
C ILE B 136 -23.91 -15.13 -0.64
N ASP B 137 -25.03 -14.90 -1.29
CA ASP B 137 -26.26 -14.50 -0.58
C ASP B 137 -27.26 -15.66 -0.65
N THR B 138 -28.13 -15.64 -1.66
CA THR B 138 -29.12 -16.72 -1.83
C THR B 138 -28.39 -17.94 -2.36
N GLY B 139 -27.22 -17.70 -2.96
CA GLY B 139 -26.42 -18.78 -3.50
C GLY B 139 -26.73 -19.10 -4.95
N LYS B 140 -27.75 -18.43 -5.50
CA LYS B 140 -28.18 -18.65 -6.88
C LYS B 140 -27.11 -18.38 -7.94
N THR B 141 -26.43 -17.24 -7.82
CA THR B 141 -25.39 -16.86 -8.77
C THR B 141 -24.31 -17.95 -8.85
N MET B 142 -23.72 -18.28 -7.71
CA MET B 142 -22.67 -19.31 -7.69
C MET B 142 -23.16 -20.69 -8.12
N GLN B 143 -24.38 -21.04 -7.73
CA GLN B 143 -24.93 -22.34 -8.11
C GLN B 143 -24.99 -22.40 -9.63
N THR B 144 -25.44 -21.29 -10.22
CA THR B 144 -25.55 -21.17 -11.67
C THR B 144 -24.17 -21.19 -12.32
N LEU B 145 -23.26 -20.40 -11.80
CA LEU B 145 -21.91 -20.34 -12.36
C LEU B 145 -21.26 -21.71 -12.34
N LEU B 146 -21.28 -22.37 -11.19
CA LEU B 146 -20.67 -23.69 -11.03
C LEU B 146 -21.24 -24.70 -12.04
N SER B 147 -22.53 -24.59 -12.33
CA SER B 147 -23.18 -25.48 -13.29
C SER B 147 -22.60 -25.30 -14.68
N LEU B 148 -22.44 -24.03 -15.08
CA LEU B 148 -21.89 -23.69 -16.39
C LEU B 148 -20.45 -24.14 -16.55
N VAL B 149 -19.64 -23.92 -15.51
CA VAL B 149 -18.23 -24.29 -15.54
C VAL B 149 -18.04 -25.80 -15.60
N ARG B 150 -18.70 -26.51 -14.68
CA ARG B 150 -18.61 -27.97 -14.61
C ARG B 150 -19.04 -28.65 -15.90
N GLN B 151 -19.87 -27.97 -16.67
CA GLN B 151 -20.34 -28.48 -17.96
C GLN B 151 -19.14 -28.89 -18.81
N TYR B 152 -18.09 -28.07 -18.75
CA TYR B 152 -16.88 -28.26 -19.54
C TYR B 152 -15.78 -29.14 -18.96
N ASN B 153 -16.07 -29.84 -17.88
CA ASN B 153 -15.11 -30.73 -17.24
C ASN B 153 -13.77 -30.11 -16.87
N PRO B 154 -13.78 -29.09 -16.00
CA PRO B 154 -12.49 -28.50 -15.62
C PRO B 154 -11.84 -29.54 -14.72
N LYS B 155 -10.53 -29.45 -14.55
CA LYS B 155 -9.84 -30.42 -13.72
C LYS B 155 -10.26 -30.26 -12.25
N MET B 156 -10.33 -29.02 -11.80
CA MET B 156 -10.70 -28.73 -10.42
C MET B 156 -11.27 -27.32 -10.35
N VAL B 157 -12.25 -27.14 -9.47
CA VAL B 157 -12.88 -25.83 -9.30
C VAL B 157 -12.99 -25.48 -7.83
N LYS B 158 -12.44 -24.33 -7.48
CA LYS B 158 -12.48 -23.83 -6.11
C LYS B 158 -13.13 -22.45 -6.17
N VAL B 159 -13.88 -22.09 -5.15
CA VAL B 159 -14.53 -20.78 -5.12
C VAL B 159 -14.11 -19.98 -3.90
N ALA B 160 -13.68 -18.74 -4.14
CA ALA B 160 -13.30 -17.86 -3.05
C ALA B 160 -14.30 -16.71 -3.06
N SER B 161 -14.97 -16.50 -1.93
CA SER B 161 -15.96 -15.43 -1.84
C SER B 161 -15.53 -14.52 -0.70
N LEU B 162 -15.49 -13.22 -0.94
CA LEU B 162 -15.09 -12.31 0.12
C LEU B 162 -16.06 -12.45 1.29
N LEU B 163 -17.36 -12.45 0.98
CA LEU B 163 -18.39 -12.56 2.00
C LEU B 163 -19.40 -13.71 1.82
N VAL B 164 -19.98 -14.14 2.92
CA VAL B 164 -21.02 -15.17 2.94
C VAL B 164 -22.05 -14.61 3.92
N LYS B 165 -23.29 -14.48 3.45
CA LYS B 165 -24.36 -13.93 4.25
C LYS B 165 -25.24 -14.97 4.96
N ARG B 166 -25.55 -14.71 6.22
CA ARG B 166 -26.42 -15.57 7.02
C ARG B 166 -27.83 -15.08 6.75
N THR B 167 -28.54 -15.77 5.87
CA THR B 167 -29.89 -15.36 5.53
C THR B 167 -30.81 -16.55 5.34
N PRO B 168 -32.10 -16.39 5.69
CA PRO B 168 -33.07 -17.50 5.55
C PRO B 168 -33.29 -17.87 4.08
N ARG B 169 -32.93 -16.96 3.20
CA ARG B 169 -33.08 -17.16 1.76
C ARG B 169 -31.96 -17.99 1.14
N SER B 170 -30.89 -18.22 1.90
CA SER B 170 -29.75 -18.98 1.38
C SER B 170 -30.07 -20.42 1.01
N VAL B 171 -29.44 -20.87 -0.06
CA VAL B 171 -29.60 -22.24 -0.55
C VAL B 171 -28.71 -23.16 0.28
N GLY B 172 -27.71 -22.58 0.92
CA GLY B 172 -26.81 -23.36 1.75
C GLY B 172 -25.46 -23.61 1.13
N TYR B 173 -25.19 -23.01 -0.03
CA TYR B 173 -23.91 -23.21 -0.67
C TYR B 173 -22.79 -22.54 0.13
N LYS B 174 -21.68 -23.26 0.29
CA LYS B 174 -20.54 -22.74 1.03
C LYS B 174 -19.31 -22.74 0.13
N PRO B 175 -18.62 -21.60 0.01
CA PRO B 175 -17.43 -21.55 -0.85
C PRO B 175 -16.23 -22.28 -0.25
N ASP B 176 -15.18 -22.44 -1.05
CA ASP B 176 -13.98 -23.12 -0.59
C ASP B 176 -13.16 -22.20 0.30
N PHE B 177 -13.22 -20.89 0.00
CA PHE B 177 -12.53 -19.87 0.78
C PHE B 177 -13.51 -18.75 1.11
N VAL B 178 -13.51 -18.29 2.35
CA VAL B 178 -14.41 -17.21 2.75
C VAL B 178 -13.73 -16.18 3.65
N GLY B 179 -13.82 -14.92 3.27
CA GLY B 179 -13.22 -13.87 4.06
C GLY B 179 -14.04 -13.60 5.31
N PHE B 180 -15.29 -13.16 5.14
CA PHE B 180 -16.16 -12.85 6.28
C PHE B 180 -17.58 -13.40 6.15
N GLU B 181 -18.15 -13.83 7.28
CA GLU B 181 -19.52 -14.33 7.33
C GLU B 181 -20.28 -13.17 8.00
N ILE B 182 -21.23 -12.57 7.29
CA ILE B 182 -21.94 -11.42 7.80
C ILE B 182 -23.45 -11.59 8.02
N PRO B 183 -24.07 -10.65 8.77
CA PRO B 183 -25.51 -10.71 9.04
C PRO B 183 -26.34 -10.41 7.79
N ASP B 184 -27.65 -10.60 7.89
CA ASP B 184 -28.55 -10.35 6.79
C ASP B 184 -28.78 -8.87 6.57
N LYS B 185 -27.76 -8.18 6.07
CA LYS B 185 -27.86 -6.76 5.78
C LYS B 185 -27.32 -6.54 4.38
N PHE B 186 -27.91 -5.60 3.65
CA PHE B 186 -27.43 -5.32 2.30
C PHE B 186 -26.25 -4.36 2.42
N VAL B 187 -25.06 -4.87 2.11
CA VAL B 187 -23.84 -4.07 2.18
C VAL B 187 -23.42 -3.55 0.82
N VAL B 188 -22.68 -2.44 0.81
CA VAL B 188 -22.20 -1.85 -0.43
C VAL B 188 -20.73 -1.44 -0.21
N GLY B 189 -20.05 -1.09 -1.30
CA GLY B 189 -18.66 -0.68 -1.18
C GLY B 189 -17.74 -1.81 -1.59
N TYR B 190 -16.49 -1.46 -1.89
CA TYR B 190 -15.50 -2.44 -2.31
C TYR B 190 -16.00 -3.22 -3.54
N ALA B 191 -16.52 -2.46 -4.51
CA ALA B 191 -17.04 -3.00 -5.77
C ALA B 191 -18.48 -3.47 -5.69
N LEU B 192 -19.02 -3.64 -4.48
CA LEU B 192 -20.41 -4.08 -4.31
C LEU B 192 -21.31 -2.85 -4.45
N ASP B 193 -22.33 -2.97 -5.28
CA ASP B 193 -23.22 -1.85 -5.55
C ASP B 193 -24.66 -1.98 -5.09
N TYR B 194 -25.36 -0.86 -5.22
CA TYR B 194 -26.78 -0.79 -4.95
C TYR B 194 -27.26 -0.07 -6.22
N ASN B 195 -27.75 -0.83 -7.19
CA ASN B 195 -28.20 -0.27 -8.47
C ASN B 195 -27.06 0.53 -9.13
N GLU B 196 -25.87 -0.09 -9.16
CA GLU B 196 -24.67 0.48 -9.76
C GLU B 196 -23.93 1.57 -8.98
N TYR B 197 -24.49 1.99 -7.85
CA TYR B 197 -23.85 3.02 -7.03
C TYR B 197 -23.12 2.36 -5.86
N PHE B 198 -22.20 3.11 -5.24
CA PHE B 198 -21.41 2.66 -4.09
C PHE B 198 -20.27 1.70 -4.38
N ARG B 199 -20.00 1.41 -5.65
CA ARG B 199 -18.89 0.52 -5.99
C ARG B 199 -17.57 1.25 -5.69
N ASP B 200 -17.56 2.55 -5.98
CA ASP B 200 -16.40 3.42 -5.76
C ASP B 200 -16.30 3.81 -4.28
N LEU B 201 -16.26 2.79 -3.44
CA LEU B 201 -16.21 2.97 -1.99
C LEU B 201 -15.19 1.98 -1.42
N ASN B 202 -14.22 2.52 -0.69
CA ASN B 202 -13.15 1.76 -0.05
C ASN B 202 -13.60 0.70 0.96
N HIS B 203 -14.46 1.12 1.88
CA HIS B 203 -14.95 0.22 2.91
C HIS B 203 -16.30 -0.39 2.58
N VAL B 204 -16.57 -1.53 3.18
CA VAL B 204 -17.84 -2.18 2.98
C VAL B 204 -18.71 -1.58 4.07
N CYS B 205 -19.80 -0.95 3.66
CA CYS B 205 -20.71 -0.30 4.57
C CYS B 205 -22.13 -0.84 4.42
N VAL B 206 -23.03 -0.32 5.26
CA VAL B 206 -24.42 -0.70 5.21
C VAL B 206 -25.15 0.54 4.71
N ILE B 207 -26.05 0.37 3.75
CA ILE B 207 -26.79 1.52 3.22
C ILE B 207 -27.90 1.89 4.18
N SER B 208 -28.15 3.18 4.32
CA SER B 208 -29.21 3.67 5.18
C SER B 208 -30.55 3.46 4.49
N GLU B 209 -31.63 3.60 5.25
CA GLU B 209 -32.97 3.43 4.71
C GLU B 209 -33.22 4.52 3.67
N THR B 210 -32.82 5.75 3.99
CA THR B 210 -33.00 6.85 3.06
C THR B 210 -32.12 6.64 1.84
N GLY B 211 -31.07 5.85 2.00
CA GLY B 211 -30.17 5.59 0.88
C GLY B 211 -30.80 4.66 -0.14
N LYS B 212 -31.39 3.58 0.35
CA LYS B 212 -32.04 2.60 -0.52
C LYS B 212 -33.25 3.23 -1.23
N ALA B 213 -33.88 4.17 -0.56
CA ALA B 213 -35.05 4.87 -1.09
C ALA B 213 -34.65 5.84 -2.18
N LYS B 214 -33.56 6.55 -1.93
CA LYS B 214 -33.04 7.53 -2.87
C LYS B 214 -32.57 6.90 -4.18
N TYR B 215 -31.86 5.78 -4.08
CA TYR B 215 -31.33 5.10 -5.26
C TYR B 215 -32.20 3.97 -5.79
N LYS B 216 -33.37 3.80 -5.20
CA LYS B 216 -34.29 2.75 -5.60
C LYS B 216 -34.59 2.80 -7.10
N ALA B 217 -34.64 1.62 -7.73
CA ALA B 217 -34.92 1.52 -9.15
C ALA B 217 -36.39 1.82 -9.42
N SER C 4 26.98 -7.04 -5.79
CA SER C 4 26.11 -6.16 -6.63
C SER C 4 26.23 -4.69 -6.22
N PRO C 5 26.19 -3.77 -7.21
CA PRO C 5 26.29 -2.34 -6.93
C PRO C 5 24.95 -1.64 -6.67
N GLY C 6 23.86 -2.38 -6.81
CA GLY C 6 22.55 -1.81 -6.60
C GLY C 6 22.09 -1.24 -7.93
N VAL C 7 21.09 -0.36 -7.91
CA VAL C 7 20.60 0.26 -9.14
C VAL C 7 21.47 1.47 -9.43
N VAL C 8 22.24 1.41 -10.51
CA VAL C 8 23.14 2.49 -10.87
C VAL C 8 22.51 3.58 -11.72
N ILE C 9 22.51 4.80 -11.20
CA ILE C 9 21.99 5.95 -11.92
C ILE C 9 23.19 6.76 -12.40
N SER C 10 23.31 6.92 -13.71
CA SER C 10 24.44 7.64 -14.30
C SER C 10 24.43 9.15 -14.09
N ASP C 11 25.60 9.75 -14.24
CA ASP C 11 25.78 11.19 -14.07
C ASP C 11 24.95 12.04 -15.03
N ASP C 12 24.65 11.47 -16.20
CA ASP C 12 23.88 12.20 -17.20
C ASP C 12 22.36 12.15 -17.03
N GLU C 13 21.89 11.46 -16.00
CA GLU C 13 20.45 11.37 -15.75
C GLU C 13 19.93 12.57 -14.93
N PRO C 14 19.01 13.37 -15.52
CA PRO C 14 18.42 14.55 -14.88
C PRO C 14 17.24 14.30 -13.96
N GLY C 15 16.56 13.17 -14.14
CA GLY C 15 15.41 12.88 -13.31
C GLY C 15 14.17 13.25 -14.11
N TYR C 16 13.02 13.32 -13.45
CA TYR C 16 11.78 13.66 -14.13
C TYR C 16 11.25 15.04 -13.79
N ASP C 17 10.49 15.60 -14.72
CA ASP C 17 9.87 16.91 -14.52
C ASP C 17 8.92 16.79 -13.33
N LEU C 18 8.88 17.79 -12.47
CA LEU C 18 8.00 17.75 -11.32
C LEU C 18 6.53 17.58 -11.75
N ASP C 19 6.21 18.06 -12.95
CA ASP C 19 4.86 18.00 -13.50
C ASP C 19 4.29 16.60 -13.73
N LEU C 20 5.16 15.60 -13.78
CA LEU C 20 4.73 14.23 -14.03
C LEU C 20 4.30 13.50 -12.78
N PHE C 21 4.59 14.05 -11.61
CA PHE C 21 4.23 13.42 -10.35
C PHE C 21 3.47 14.37 -9.46
N CYS C 22 3.06 13.86 -8.30
CA CYS C 22 2.37 14.69 -7.32
C CYS C 22 3.46 15.03 -6.31
N ILE C 23 3.61 16.32 -6.02
CA ILE C 23 4.60 16.75 -5.03
C ILE C 23 3.97 17.83 -4.17
N PRO C 24 4.38 17.91 -2.89
CA PRO C 24 3.83 18.91 -1.98
C PRO C 24 3.97 20.32 -2.55
N ASN C 25 2.84 21.03 -2.62
CA ASN C 25 2.82 22.39 -3.15
C ASN C 25 3.80 23.33 -2.46
N HIS C 26 4.02 23.16 -1.16
CA HIS C 26 4.93 24.06 -0.46
C HIS C 26 6.37 23.92 -0.92
N TYR C 27 6.70 22.81 -1.56
CA TYR C 27 8.06 22.58 -2.03
C TYR C 27 8.19 22.72 -3.54
N ALA C 28 7.09 23.09 -4.20
CA ALA C 28 7.08 23.23 -5.66
C ALA C 28 8.30 23.96 -6.24
N GLU C 29 8.53 25.19 -5.80
CA GLU C 29 9.66 25.96 -6.31
C GLU C 29 11.01 25.54 -5.74
N ASP C 30 10.98 24.77 -4.66
CA ASP C 30 12.23 24.35 -4.02
C ASP C 30 12.84 23.07 -4.59
N LEU C 31 12.14 22.41 -5.50
CA LEU C 31 12.64 21.18 -6.11
C LEU C 31 12.88 21.34 -7.59
N GLU C 32 13.93 20.69 -8.10
CA GLU C 32 14.30 20.78 -9.50
C GLU C 32 13.71 19.62 -10.31
N ARG C 33 13.91 18.40 -9.84
CA ARG C 33 13.39 17.24 -10.54
C ARG C 33 13.19 16.06 -9.60
N VAL C 34 12.31 15.15 -9.97
CA VAL C 34 12.09 13.94 -9.19
C VAL C 34 13.24 13.04 -9.61
N PHE C 35 14.07 12.62 -8.66
CA PHE C 35 15.21 11.78 -8.99
C PHE C 35 14.95 10.29 -8.87
N ILE C 36 14.31 9.88 -7.79
CA ILE C 36 13.99 8.46 -7.60
C ILE C 36 12.56 8.39 -7.08
N PRO C 37 11.61 8.01 -7.96
CA PRO C 37 10.20 7.89 -7.57
C PRO C 37 10.02 6.97 -6.37
N HIS C 38 9.20 7.38 -5.43
CA HIS C 38 8.94 6.60 -4.22
C HIS C 38 8.66 5.13 -4.52
N GLY C 39 7.84 4.87 -5.54
CA GLY C 39 7.52 3.50 -5.91
C GLY C 39 8.72 2.70 -6.38
N LEU C 40 9.66 3.37 -7.02
CA LEU C 40 10.87 2.69 -7.46
C LEU C 40 11.67 2.31 -6.19
N ILE C 41 11.67 3.18 -5.18
CA ILE C 41 12.37 2.89 -3.93
C ILE C 41 11.73 1.66 -3.28
N MET C 42 10.41 1.64 -3.30
CA MET C 42 9.66 0.52 -2.72
C MET C 42 10.01 -0.81 -3.41
N ASP C 43 10.00 -0.80 -4.74
CA ASP C 43 10.30 -1.99 -5.53
C ASP C 43 11.70 -2.49 -5.23
N ARG C 44 12.65 -1.56 -5.18
CA ARG C 44 14.03 -1.92 -4.91
C ARG C 44 14.15 -2.43 -3.48
N THR C 45 13.49 -1.74 -2.55
CA THR C 45 13.53 -2.14 -1.16
C THR C 45 12.98 -3.56 -0.98
N GLU C 46 11.97 -3.91 -1.75
CA GLU C 46 11.37 -5.24 -1.67
C GLU C 46 12.39 -6.33 -1.97
N ARG C 47 13.25 -6.10 -2.95
CA ARG C 47 14.26 -7.10 -3.29
C ARG C 47 15.34 -7.11 -2.21
N LEU C 48 15.67 -5.92 -1.71
CA LEU C 48 16.68 -5.81 -0.67
C LEU C 48 16.26 -6.61 0.57
N ALA C 49 14.97 -6.57 0.88
CA ALA C 49 14.44 -7.31 2.03
C ALA C 49 14.60 -8.81 1.80
N ARG C 50 14.49 -9.25 0.54
CA ARG C 50 14.65 -10.66 0.22
C ARG C 50 16.12 -11.06 0.27
N ASP C 51 16.99 -10.12 -0.07
CA ASP C 51 18.43 -10.33 -0.06
C ASP C 51 18.89 -10.46 1.38
N VAL C 52 18.39 -9.58 2.24
CA VAL C 52 18.75 -9.59 3.66
C VAL C 52 18.30 -10.93 4.24
N MET C 53 17.04 -11.29 3.96
CA MET C 53 16.48 -12.54 4.44
C MET C 53 17.34 -13.72 4.01
N LYS C 54 17.94 -13.62 2.83
CA LYS C 54 18.78 -14.70 2.33
C LYS C 54 20.12 -14.76 3.07
N GLU C 55 20.59 -13.60 3.54
CA GLU C 55 21.88 -13.54 4.22
C GLU C 55 21.81 -13.66 5.75
N MET C 56 20.73 -13.19 6.35
CA MET C 56 20.58 -13.25 7.79
C MET C 56 19.34 -14.02 8.25
N GLY C 57 18.55 -14.46 7.28
CA GLY C 57 17.32 -15.18 7.57
C GLY C 57 17.39 -16.26 8.64
N GLY C 58 18.48 -17.01 8.66
CA GLY C 58 18.60 -18.06 9.65
C GLY C 58 18.88 -17.56 11.05
N HIS C 59 18.81 -16.25 11.27
CA HIS C 59 19.10 -15.73 12.60
C HIS C 59 18.25 -14.60 13.13
N HIS C 60 18.39 -14.38 14.43
CA HIS C 60 17.71 -13.33 15.16
C HIS C 60 18.57 -12.10 14.83
N ILE C 61 17.92 -11.00 14.47
CA ILE C 61 18.64 -9.79 14.12
C ILE C 61 18.18 -8.59 14.91
N VAL C 62 19.09 -7.65 15.09
CA VAL C 62 18.76 -6.41 15.77
C VAL C 62 18.91 -5.39 14.64
N ALA C 63 17.80 -4.76 14.25
CA ALA C 63 17.84 -3.77 13.20
C ALA C 63 18.12 -2.43 13.88
N LEU C 64 19.20 -1.76 13.45
CA LEU C 64 19.56 -0.48 14.03
C LEU C 64 19.30 0.66 13.06
N CYS C 65 18.38 1.54 13.42
CA CYS C 65 18.02 2.67 12.59
C CYS C 65 18.89 3.89 12.87
N VAL C 66 19.50 4.44 11.82
CA VAL C 66 20.35 5.63 11.94
C VAL C 66 19.48 6.85 11.70
N LEU C 67 19.07 7.50 12.79
CA LEU C 67 18.23 8.69 12.72
C LEU C 67 19.07 9.88 12.24
N LYS C 68 18.47 10.87 11.59
CA LYS C 68 17.04 10.91 11.28
C LYS C 68 16.77 10.41 9.85
N GLY C 69 17.72 10.62 8.96
CA GLY C 69 17.57 10.25 7.56
C GLY C 69 17.16 8.83 7.20
N GLY C 70 17.54 7.86 8.00
CA GLY C 70 17.19 6.49 7.67
C GLY C 70 15.83 5.99 8.16
N TYR C 71 15.06 6.85 8.81
CA TYR C 71 13.78 6.42 9.36
C TYR C 71 12.79 5.89 8.36
N LYS C 72 12.72 6.47 7.16
CA LYS C 72 11.75 5.99 6.17
C LYS C 72 12.18 4.65 5.59
N PHE C 73 13.44 4.57 5.16
CA PHE C 73 13.99 3.36 4.58
C PHE C 73 13.93 2.22 5.60
N PHE C 74 14.16 2.56 6.87
CA PHE C 74 14.12 1.58 7.96
C PHE C 74 12.72 1.00 8.13
N ALA C 75 11.71 1.86 8.15
CA ALA C 75 10.31 1.43 8.29
C ALA C 75 9.88 0.54 7.13
N ASP C 76 10.20 0.94 5.91
CA ASP C 76 9.82 0.18 4.72
C ASP C 76 10.56 -1.15 4.57
N LEU C 77 11.87 -1.14 4.80
CA LEU C 77 12.65 -2.36 4.67
C LEU C 77 12.16 -3.38 5.66
N LEU C 78 11.91 -2.95 6.90
CA LEU C 78 11.43 -3.86 7.93
C LEU C 78 10.03 -4.35 7.62
N ASP C 79 9.24 -3.52 6.95
CA ASP C 79 7.88 -3.88 6.57
C ASP C 79 7.90 -5.00 5.53
N TYR C 80 8.87 -4.95 4.63
CA TYR C 80 8.97 -5.99 3.61
C TYR C 80 9.54 -7.25 4.24
N ILE C 81 10.44 -7.09 5.20
CA ILE C 81 11.03 -8.25 5.88
C ILE C 81 9.92 -8.94 6.68
N LYS C 82 9.06 -8.14 7.30
CA LYS C 82 7.94 -8.67 8.07
C LYS C 82 6.99 -9.44 7.15
N ALA C 83 6.73 -8.88 5.98
CA ALA C 83 5.85 -9.52 5.01
C ALA C 83 6.35 -10.93 4.69
N LEU C 84 7.66 -11.06 4.46
CA LEU C 84 8.25 -12.37 4.18
C LEU C 84 8.08 -13.28 5.40
N ASN C 85 8.36 -12.73 6.58
CA ASN C 85 8.27 -13.46 7.85
C ASN C 85 6.91 -14.09 8.18
N ARG C 86 5.82 -13.43 7.78
CA ARG C 86 4.49 -13.94 8.06
C ARG C 86 3.89 -14.74 6.92
N ASN C 87 4.64 -14.91 5.84
CA ASN C 87 4.13 -15.66 4.70
C ASN C 87 5.04 -16.83 4.32
N SER C 88 5.90 -17.22 5.25
CA SER C 88 6.82 -18.34 5.01
C SER C 88 7.48 -18.82 6.29
N ASP C 89 7.88 -20.09 6.30
CA ASP C 89 8.54 -20.70 7.46
C ASP C 89 9.86 -20.00 7.76
N ARG C 90 10.35 -19.26 6.78
CA ARG C 90 11.58 -18.49 6.92
C ARG C 90 11.23 -17.31 7.80
N SER C 91 11.80 -17.27 9.00
CA SER C 91 11.51 -16.19 9.93
C SER C 91 12.72 -15.49 10.51
N ILE C 92 12.88 -14.22 10.17
CA ILE C 92 13.99 -13.42 10.71
C ILE C 92 13.41 -12.68 11.91
N PRO C 93 13.45 -13.30 13.10
CA PRO C 93 12.90 -12.55 14.24
C PRO C 93 13.81 -11.36 14.52
N MET C 94 13.22 -10.18 14.70
CA MET C 94 14.04 -9.01 14.96
C MET C 94 13.56 -8.06 16.04
N THR C 95 14.53 -7.40 16.66
CA THR C 95 14.28 -6.40 17.68
C THR C 95 14.79 -5.14 17.00
N VAL C 96 14.47 -3.96 17.53
CA VAL C 96 14.92 -2.73 16.90
C VAL C 96 15.58 -1.74 17.85
N ASP C 97 16.50 -0.96 17.28
CA ASP C 97 17.24 0.07 18.02
C ASP C 97 17.35 1.29 17.13
N PHE C 98 17.55 2.45 17.73
CA PHE C 98 17.69 3.71 17.00
C PHE C 98 18.93 4.46 17.49
N ILE C 99 19.63 5.11 16.58
CA ILE C 99 20.79 5.90 16.93
C ILE C 99 20.81 7.14 16.04
N ARG C 100 21.14 8.28 16.61
CA ARG C 100 21.20 9.50 15.83
C ARG C 100 22.63 9.97 15.67
N LEU C 101 22.95 10.36 14.45
CA LEU C 101 24.27 10.88 14.10
C LEU C 101 24.04 12.19 13.35
N LYS C 102 24.57 13.28 13.89
CA LYS C 102 24.42 14.59 13.24
C LYS C 102 25.79 15.11 12.81
N SER C 103 25.84 15.73 11.63
CA SER C 103 27.10 16.27 11.13
C SER C 103 26.93 17.19 9.93
N TYR C 104 25.77 17.13 9.27
CA TYR C 104 25.56 17.97 8.10
C TYR C 104 24.89 19.31 8.39
N CYS C 105 25.31 20.31 7.63
CA CYS C 105 24.76 21.66 7.72
C CYS C 105 24.65 22.06 6.26
N ASN C 106 23.45 22.47 5.85
CA ASN C 106 23.20 22.83 4.46
C ASN C 106 23.40 21.55 3.64
N ASP C 107 24.24 21.62 2.60
CA ASP C 107 24.49 20.46 1.75
C ASP C 107 25.88 19.85 1.93
N GLN C 108 26.53 20.19 3.04
CA GLN C 108 27.87 19.67 3.28
C GLN C 108 28.03 19.19 4.70
N SER C 109 28.98 18.28 4.90
CA SER C 109 29.26 17.74 6.22
C SER C 109 30.05 18.82 6.98
N THR C 110 29.86 18.89 8.29
CA THR C 110 30.57 19.87 9.09
C THR C 110 31.82 19.24 9.70
N GLY C 111 32.07 17.98 9.35
CA GLY C 111 33.22 17.27 9.88
C GLY C 111 32.95 16.69 11.25
N ASP C 112 32.41 17.54 12.12
CA ASP C 112 32.07 17.13 13.48
C ASP C 112 30.83 16.23 13.52
N ILE C 113 31.03 14.96 13.85
CA ILE C 113 29.92 14.00 13.92
C ILE C 113 29.53 13.76 15.37
N LYS C 114 28.35 14.24 15.75
CA LYS C 114 27.86 14.09 17.10
C LYS C 114 26.89 12.91 17.18
N VAL C 115 27.14 12.02 18.14
CA VAL C 115 26.28 10.86 18.34
C VAL C 115 25.23 11.23 19.38
N ILE C 116 24.20 11.94 18.93
CA ILE C 116 23.10 12.41 19.77
C ILE C 116 22.22 11.33 20.39
N GLY C 117 22.83 10.44 21.16
CA GLY C 117 22.08 9.38 21.80
C GLY C 117 22.49 8.01 21.28
N GLY C 118 23.17 7.23 22.13
CA GLY C 118 23.60 5.92 21.72
C GLY C 118 24.56 5.21 22.68
N ASP C 119 24.17 5.12 23.94
CA ASP C 119 24.97 4.44 24.96
C ASP C 119 24.42 3.02 25.08
N ASP C 120 23.14 2.88 24.73
CA ASP C 120 22.45 1.61 24.80
C ASP C 120 22.81 0.65 23.66
N LEU C 121 23.94 0.90 23.01
CA LEU C 121 24.42 0.03 21.94
C LEU C 121 25.01 -1.23 22.59
N SER C 122 25.05 -1.22 23.91
CA SER C 122 25.56 -2.35 24.68
C SER C 122 24.60 -3.52 24.51
N THR C 123 23.40 -3.22 24.04
CA THR C 123 22.40 -4.25 23.81
C THR C 123 22.73 -5.02 22.53
N LEU C 124 23.77 -4.55 21.84
CA LEU C 124 24.21 -5.18 20.59
C LEU C 124 25.23 -6.30 20.82
N THR C 125 25.73 -6.37 22.05
CA THR C 125 26.73 -7.37 22.41
C THR C 125 26.34 -8.81 22.10
N GLY C 126 27.14 -9.46 21.26
CA GLY C 126 26.90 -10.84 20.88
C GLY C 126 25.74 -11.08 19.95
N LYS C 127 25.15 -10.00 19.43
CA LYS C 127 24.02 -10.15 18.53
C LYS C 127 24.38 -9.85 17.08
N ASN C 128 23.47 -10.22 16.18
CA ASN C 128 23.63 -9.99 14.75
C ASN C 128 22.94 -8.66 14.47
N VAL C 129 23.69 -7.70 13.98
CA VAL C 129 23.14 -6.37 13.74
C VAL C 129 23.01 -5.98 12.27
N LEU C 130 21.89 -5.33 11.97
CA LEU C 130 21.64 -4.86 10.62
C LEU C 130 21.50 -3.36 10.74
N ILE C 131 22.49 -2.61 10.28
CA ILE C 131 22.43 -1.17 10.35
C ILE C 131 21.69 -0.71 9.10
N VAL C 132 20.73 0.19 9.28
CA VAL C 132 19.96 0.71 8.16
C VAL C 132 20.17 2.22 8.09
N GLU C 133 20.76 2.67 6.98
CA GLU C 133 21.06 4.08 6.78
C GLU C 133 20.51 4.60 5.44
N ASP C 134 20.34 5.90 5.34
CA ASP C 134 19.80 6.51 4.12
C ASP C 134 20.81 6.62 2.97
N ILE C 135 21.97 7.22 3.25
CA ILE C 135 22.97 7.39 2.20
C ILE C 135 24.41 7.44 2.68
N ILE C 136 25.30 6.82 1.91
CA ILE C 136 26.72 6.84 2.21
C ILE C 136 27.29 7.90 1.27
N ASP C 137 27.86 8.96 1.84
CA ASP C 137 28.44 10.04 1.05
C ASP C 137 29.95 10.00 1.26
N THR C 138 30.44 10.86 2.14
CA THR C 138 31.87 10.92 2.46
C THR C 138 32.27 9.63 3.18
N GLY C 139 31.32 9.04 3.89
CA GLY C 139 31.59 7.80 4.61
C GLY C 139 31.94 8.01 6.07
N LYS C 140 32.02 9.27 6.48
CA LYS C 140 32.35 9.64 7.85
C LYS C 140 31.37 9.05 8.87
N THR C 141 30.08 9.29 8.63
CA THR C 141 29.04 8.79 9.52
C THR C 141 29.13 7.28 9.77
N MET C 142 28.98 6.49 8.71
CA MET C 142 29.05 5.03 8.83
C MET C 142 30.35 4.58 9.49
N GLN C 143 31.46 5.20 9.12
CA GLN C 143 32.76 4.86 9.68
C GLN C 143 32.68 5.03 11.21
N THR C 144 32.22 6.20 11.65
CA THR C 144 32.08 6.50 13.06
C THR C 144 31.17 5.47 13.75
N LEU C 145 30.02 5.19 13.11
CA LEU C 145 29.07 4.24 13.65
C LEU C 145 29.65 2.85 13.83
N LEU C 146 30.24 2.31 12.77
CA LEU C 146 30.84 0.98 12.83
C LEU C 146 31.82 0.87 14.00
N SER C 147 32.64 1.90 14.19
CA SER C 147 33.60 1.93 15.28
C SER C 147 32.90 1.83 16.63
N LEU C 148 31.84 2.64 16.78
CA LEU C 148 31.05 2.68 18.00
C LEU C 148 30.42 1.34 18.32
N VAL C 149 29.80 0.71 17.31
CA VAL C 149 29.16 -0.58 17.44
C VAL C 149 30.16 -1.69 17.78
N ARG C 150 31.35 -1.61 17.16
CA ARG C 150 32.40 -2.60 17.39
C ARG C 150 32.79 -2.60 18.85
N GLN C 151 32.69 -1.43 19.48
CA GLN C 151 33.02 -1.28 20.88
C GLN C 151 32.18 -2.19 21.76
N TYR C 152 31.02 -2.59 21.26
CA TYR C 152 30.13 -3.44 22.04
C TYR C 152 30.18 -4.90 21.66
N ASN C 153 31.14 -5.25 20.80
CA ASN C 153 31.34 -6.63 20.38
C ASN C 153 30.11 -7.41 19.93
N PRO C 154 29.48 -6.99 18.82
CA PRO C 154 28.30 -7.70 18.32
C PRO C 154 28.82 -8.96 17.62
N LYS C 155 27.95 -9.94 17.41
CA LYS C 155 28.37 -11.17 16.76
C LYS C 155 28.68 -10.92 15.29
N MET C 156 27.85 -10.13 14.63
CA MET C 156 28.04 -9.82 13.23
C MET C 156 27.34 -8.50 12.91
N VAL C 157 27.88 -7.77 11.96
CA VAL C 157 27.30 -6.50 11.56
C VAL C 157 27.18 -6.45 10.04
N LYS C 158 26.04 -5.99 9.57
CA LYS C 158 25.78 -5.86 8.15
C LYS C 158 25.14 -4.49 8.00
N VAL C 159 25.47 -3.77 6.94
CA VAL C 159 24.90 -2.46 6.72
C VAL C 159 24.11 -2.42 5.43
N ALA C 160 22.99 -1.70 5.47
CA ALA C 160 22.11 -1.52 4.34
C ALA C 160 21.92 -0.03 4.17
N SER C 161 22.27 0.47 3.00
CA SER C 161 22.11 1.89 2.72
C SER C 161 21.25 2.03 1.50
N LEU C 162 20.27 2.91 1.57
CA LEU C 162 19.38 3.11 0.43
C LEU C 162 20.19 3.65 -0.74
N LEU C 163 21.05 4.64 -0.48
CA LEU C 163 21.86 5.23 -1.53
C LEU C 163 23.35 5.21 -1.22
N VAL C 164 24.14 5.25 -2.30
CA VAL C 164 25.59 5.31 -2.23
C VAL C 164 25.93 6.38 -3.26
N LYS C 165 26.60 7.43 -2.82
CA LYS C 165 26.95 8.54 -3.70
C LYS C 165 28.31 8.41 -4.36
N ARG C 166 28.35 8.64 -5.67
CA ARG C 166 29.60 8.59 -6.40
C ARG C 166 30.18 10.00 -6.27
N THR C 167 31.14 10.16 -5.36
CA THR C 167 31.75 11.47 -5.14
C THR C 167 33.22 11.33 -4.72
N PRO C 168 34.06 12.28 -5.16
CA PRO C 168 35.49 12.28 -4.84
C PRO C 168 35.78 12.42 -3.34
N ARG C 169 34.82 12.98 -2.62
CA ARG C 169 34.94 13.18 -1.18
C ARG C 169 34.82 11.88 -0.39
N SER C 170 34.12 10.92 -0.96
CA SER C 170 33.89 9.62 -0.30
C SER C 170 35.19 8.91 0.09
N VAL C 171 35.13 8.21 1.22
CA VAL C 171 36.27 7.45 1.73
C VAL C 171 36.32 6.12 0.98
N GLY C 172 35.19 5.75 0.38
CA GLY C 172 35.10 4.52 -0.38
C GLY C 172 34.36 3.38 0.30
N TYR C 173 33.73 3.66 1.44
CA TYR C 173 33.01 2.60 2.15
C TYR C 173 31.89 2.01 1.31
N LYS C 174 31.74 0.69 1.38
CA LYS C 174 30.69 0.02 0.63
C LYS C 174 29.83 -0.82 1.56
N PRO C 175 28.50 -0.59 1.52
CA PRO C 175 27.57 -1.32 2.36
C PRO C 175 27.36 -2.77 1.88
N ASP C 176 26.71 -3.57 2.71
CA ASP C 176 26.45 -4.96 2.36
C ASP C 176 25.26 -5.03 1.41
N PHE C 177 24.35 -4.07 1.54
CA PHE C 177 23.18 -3.98 0.70
C PHE C 177 23.06 -2.55 0.25
N VAL C 178 22.80 -2.33 -1.03
CA VAL C 178 22.68 -0.99 -1.58
C VAL C 178 21.49 -0.92 -2.50
N GLY C 179 20.66 0.11 -2.31
CA GLY C 179 19.50 0.27 -3.16
C GLY C 179 19.86 0.92 -4.48
N PHE C 180 20.43 2.12 -4.40
CA PHE C 180 20.81 2.86 -5.60
C PHE C 180 22.18 3.52 -5.48
N GLU C 181 22.93 3.52 -6.57
CA GLU C 181 24.23 4.18 -6.61
C GLU C 181 23.96 5.43 -7.44
N ILE C 182 24.06 6.59 -6.79
CA ILE C 182 23.75 7.85 -7.45
C ILE C 182 24.91 8.81 -7.70
N PRO C 183 24.71 9.81 -8.58
CA PRO C 183 25.73 10.80 -8.90
C PRO C 183 25.91 11.77 -7.73
N ASP C 184 26.93 12.62 -7.83
CA ASP C 184 27.23 13.59 -6.79
C ASP C 184 26.29 14.80 -6.78
N LYS C 185 25.07 14.58 -6.28
CA LYS C 185 24.06 15.63 -6.18
C LYS C 185 23.41 15.54 -4.80
N PHE C 186 23.04 16.67 -4.22
CA PHE C 186 22.40 16.66 -2.91
C PHE C 186 20.90 16.42 -3.05
N VAL C 187 20.51 15.18 -2.78
CA VAL C 187 19.12 14.78 -2.89
C VAL C 187 18.39 14.97 -1.56
N VAL C 188 17.09 15.20 -1.65
CA VAL C 188 16.25 15.37 -0.46
C VAL C 188 15.00 14.51 -0.67
N GLY C 189 14.19 14.36 0.37
CA GLY C 189 12.99 13.54 0.26
C GLY C 189 13.20 12.17 0.86
N TYR C 190 12.10 11.46 1.12
CA TYR C 190 12.17 10.13 1.71
C TYR C 190 12.99 10.15 3.01
N ALA C 191 12.69 11.15 3.85
CA ALA C 191 13.35 11.35 5.14
C ALA C 191 14.70 12.06 5.06
N LEU C 192 15.25 12.22 3.85
CA LEU C 192 16.53 12.91 3.65
C LEU C 192 16.25 14.42 3.56
N ASP C 193 16.93 15.19 4.40
CA ASP C 193 16.70 16.63 4.47
C ASP C 193 17.78 17.57 3.98
N TYR C 194 17.43 18.85 4.10
CA TYR C 194 18.29 19.97 3.81
C TYR C 194 17.94 20.93 4.94
N ASN C 195 18.73 20.90 6.01
CA ASN C 195 18.48 21.75 7.17
C ASN C 195 17.08 21.44 7.74
N GLU C 196 16.79 20.15 7.83
CA GLU C 196 15.53 19.60 8.36
C GLU C 196 14.31 19.68 7.44
N TYR C 197 14.43 20.34 6.30
CA TYR C 197 13.30 20.43 5.38
C TYR C 197 13.40 19.33 4.35
N PHE C 198 12.28 19.00 3.71
CA PHE C 198 12.20 17.96 2.68
C PHE C 198 12.15 16.53 3.19
N ARG C 199 11.93 16.36 4.48
CA ARG C 199 11.83 15.02 5.05
C ARG C 199 10.42 14.50 4.74
N ASP C 200 9.47 15.44 4.70
CA ASP C 200 8.07 15.14 4.41
C ASP C 200 7.88 15.14 2.90
N LEU C 201 8.61 14.25 2.24
CA LEU C 201 8.61 14.12 0.79
C LEU C 201 8.73 12.65 0.39
N ASN C 202 7.75 12.18 -0.38
CA ASN C 202 7.68 10.80 -0.86
C ASN C 202 8.86 10.41 -1.76
N HIS C 203 9.11 11.25 -2.77
CA HIS C 203 10.18 10.99 -3.73
C HIS C 203 11.52 11.60 -3.39
N VAL C 204 12.59 10.93 -3.82
CA VAL C 204 13.92 11.46 -3.61
C VAL C 204 14.09 12.43 -4.77
N CYS C 205 14.27 13.71 -4.45
CA CYS C 205 14.42 14.73 -5.48
C CYS C 205 15.71 15.53 -5.31
N VAL C 206 16.02 16.31 -6.34
CA VAL C 206 17.17 17.18 -6.34
C VAL C 206 16.64 18.58 -5.98
N ILE C 207 17.34 19.28 -5.10
CA ILE C 207 16.91 20.61 -4.70
C ILE C 207 17.21 21.64 -5.78
N SER C 208 16.37 22.67 -5.84
CA SER C 208 16.57 23.74 -6.79
C SER C 208 17.49 24.74 -6.11
N GLU C 209 18.03 25.67 -6.88
CA GLU C 209 18.90 26.67 -6.31
C GLU C 209 18.09 27.55 -5.36
N THR C 210 16.83 27.79 -5.69
CA THR C 210 15.96 28.61 -4.85
C THR C 210 15.72 27.91 -3.51
N GLY C 211 15.59 26.59 -3.57
CA GLY C 211 15.38 25.80 -2.35
C GLY C 211 16.62 25.84 -1.47
N LYS C 212 17.78 25.72 -2.10
CA LYS C 212 19.05 25.75 -1.37
C LYS C 212 19.21 27.11 -0.71
N ALA C 213 18.83 28.16 -1.43
CA ALA C 213 18.94 29.53 -0.93
C ALA C 213 17.90 29.85 0.15
N LYS C 214 16.65 29.49 -0.11
CA LYS C 214 15.56 29.76 0.81
C LYS C 214 15.70 29.05 2.18
N TYR C 215 16.21 27.83 2.17
CA TYR C 215 16.37 27.08 3.41
C TYR C 215 17.83 27.02 3.86
N LYS C 216 18.66 27.86 3.26
CA LYS C 216 20.08 27.89 3.61
C LYS C 216 20.19 28.16 5.11
N ALA C 217 21.22 27.62 5.73
CA ALA C 217 21.45 27.84 7.15
C ALA C 217 22.90 28.29 7.34
N SER D 4 -13.35 13.12 19.93
CA SER D 4 -13.94 11.77 20.14
C SER D 4 -12.98 10.85 20.87
N PRO D 5 -13.50 9.77 21.48
CA PRO D 5 -12.63 8.83 22.21
C PRO D 5 -12.03 7.83 21.23
N GLY D 6 -12.23 8.09 19.94
CA GLY D 6 -11.72 7.22 18.90
C GLY D 6 -12.59 6.01 18.65
N VAL D 7 -12.02 5.00 18.03
CA VAL D 7 -12.76 3.77 17.77
C VAL D 7 -12.67 3.03 19.09
N VAL D 8 -13.83 2.81 19.72
CA VAL D 8 -13.87 2.13 21.01
C VAL D 8 -14.04 0.64 20.87
N ILE D 9 -13.10 -0.10 21.45
CA ILE D 9 -13.12 -1.55 21.44
C ILE D 9 -13.56 -1.94 22.84
N SER D 10 -14.76 -2.51 22.93
CA SER D 10 -15.36 -2.89 24.22
C SER D 10 -14.66 -3.99 24.99
N ASP D 11 -15.02 -4.10 26.27
CA ASP D 11 -14.46 -5.11 27.16
C ASP D 11 -14.89 -6.53 26.81
N ASP D 12 -16.10 -6.68 26.27
CA ASP D 12 -16.62 -7.99 25.91
C ASP D 12 -16.24 -8.39 24.49
N GLU D 13 -15.23 -7.71 23.94
CA GLU D 13 -14.77 -8.02 22.59
C GLU D 13 -13.56 -8.94 22.70
N PRO D 14 -13.66 -10.14 22.10
CA PRO D 14 -12.59 -11.13 22.11
C PRO D 14 -11.54 -11.05 20.98
N GLY D 15 -11.61 -9.99 20.18
CA GLY D 15 -10.65 -9.84 19.09
C GLY D 15 -10.90 -10.77 17.91
N TYR D 16 -9.82 -11.27 17.33
CA TYR D 16 -9.90 -12.18 16.18
C TYR D 16 -9.01 -13.40 16.36
N ASP D 17 -9.40 -14.50 15.75
CA ASP D 17 -8.61 -15.72 15.82
C ASP D 17 -7.32 -15.50 15.06
N LEU D 18 -6.20 -15.87 15.66
CA LEU D 18 -4.89 -15.73 15.02
C LEU D 18 -4.94 -16.44 13.67
N ASP D 19 -5.63 -17.58 13.65
CA ASP D 19 -5.80 -18.42 12.46
C ASP D 19 -6.30 -17.70 11.22
N LEU D 20 -7.11 -16.67 11.43
CA LEU D 20 -7.71 -15.94 10.32
C LEU D 20 -6.80 -14.92 9.66
N PHE D 21 -5.61 -14.72 10.21
CA PHE D 21 -4.67 -13.75 9.64
C PHE D 21 -3.28 -14.33 9.44
N CYS D 22 -2.38 -13.52 8.87
CA CYS D 22 -1.00 -13.97 8.67
C CYS D 22 -0.15 -13.32 9.75
N ILE D 23 0.44 -14.14 10.61
CA ILE D 23 1.30 -13.62 11.65
C ILE D 23 2.58 -14.45 11.64
N PRO D 24 3.73 -13.84 11.98
CA PRO D 24 5.01 -14.55 11.99
C PRO D 24 4.96 -15.84 12.80
N ASN D 25 5.35 -16.95 12.18
CA ASN D 25 5.33 -18.23 12.87
C ASN D 25 6.20 -18.21 14.13
N HIS D 26 7.25 -17.38 14.13
CA HIS D 26 8.11 -17.33 15.30
C HIS D 26 7.40 -16.70 16.51
N TYR D 27 6.15 -16.28 16.31
CA TYR D 27 5.35 -15.69 17.40
C TYR D 27 4.03 -16.42 17.63
N ALA D 28 3.73 -17.40 16.78
CA ALA D 28 2.49 -18.18 16.86
C ALA D 28 1.99 -18.51 18.26
N GLU D 29 2.80 -19.20 19.06
CA GLU D 29 2.40 -19.59 20.41
C GLU D 29 2.50 -18.46 21.43
N ASP D 30 3.20 -17.39 21.06
CA ASP D 30 3.39 -16.26 21.97
C ASP D 30 2.21 -15.29 22.01
N LEU D 31 1.29 -15.43 21.08
CA LEU D 31 0.15 -14.52 21.03
C LEU D 31 -1.17 -15.25 21.27
N GLU D 32 -2.12 -14.53 21.86
CA GLU D 32 -3.43 -15.08 22.18
C GLU D 32 -4.45 -14.81 21.09
N ARG D 33 -4.58 -13.54 20.72
CA ARG D 33 -5.53 -13.12 19.69
C ARG D 33 -5.03 -11.86 19.01
N VAL D 34 -5.61 -11.55 17.86
CA VAL D 34 -5.28 -10.32 17.14
C VAL D 34 -6.32 -9.33 17.63
N PHE D 35 -5.86 -8.21 18.15
CA PHE D 35 -6.78 -7.21 18.69
C PHE D 35 -7.21 -6.16 17.67
N ILE D 36 -6.24 -5.60 16.97
CA ILE D 36 -6.52 -4.58 15.96
C ILE D 36 -5.72 -4.87 14.70
N PRO D 37 -6.38 -5.43 13.68
CA PRO D 37 -5.65 -5.74 12.44
C PRO D 37 -4.94 -4.51 11.89
N HIS D 38 -3.76 -4.74 11.31
CA HIS D 38 -2.95 -3.66 10.74
C HIS D 38 -3.77 -2.75 9.83
N GLY D 39 -4.52 -3.35 8.92
CA GLY D 39 -5.32 -2.57 8.00
C GLY D 39 -6.30 -1.63 8.67
N LEU D 40 -6.89 -2.06 9.79
CA LEU D 40 -7.85 -1.26 10.53
C LEU D 40 -7.12 -0.04 11.12
N ILE D 41 -5.87 -0.26 11.54
CA ILE D 41 -5.05 0.81 12.10
C ILE D 41 -4.78 1.86 11.03
N MET D 42 -4.50 1.38 9.81
CA MET D 42 -4.23 2.26 8.68
C MET D 42 -5.46 3.09 8.34
N ASP D 43 -6.61 2.43 8.29
CA ASP D 43 -7.87 3.10 7.96
C ASP D 43 -8.18 4.22 8.94
N ARG D 44 -7.99 3.94 10.22
CA ARG D 44 -8.27 4.91 11.25
C ARG D 44 -7.21 6.00 11.21
N THR D 45 -5.98 5.60 10.90
CA THR D 45 -4.88 6.56 10.85
C THR D 45 -5.06 7.53 9.70
N GLU D 46 -5.68 7.06 8.62
CA GLU D 46 -5.93 7.92 7.47
C GLU D 46 -6.85 9.07 7.88
N ARG D 47 -7.86 8.74 8.69
CA ARG D 47 -8.83 9.73 9.16
C ARG D 47 -8.18 10.67 10.17
N LEU D 48 -7.29 10.11 10.99
CA LEU D 48 -6.59 10.91 12.00
C LEU D 48 -5.76 11.99 11.31
N ALA D 49 -5.15 11.62 10.18
CA ALA D 49 -4.32 12.53 9.41
C ALA D 49 -5.14 13.70 8.87
N ARG D 50 -6.36 13.42 8.41
CA ARG D 50 -7.23 14.47 7.91
C ARG D 50 -7.69 15.38 9.05
N ASP D 51 -7.93 14.80 10.21
CA ASP D 51 -8.34 15.57 11.38
C ASP D 51 -7.18 16.48 11.79
N VAL D 52 -5.96 15.93 11.81
CA VAL D 52 -4.77 16.72 12.19
C VAL D 52 -4.60 17.91 11.25
N MET D 53 -4.70 17.64 9.95
CA MET D 53 -4.56 18.68 8.94
C MET D 53 -5.68 19.71 9.09
N LYS D 54 -6.84 19.27 9.55
CA LYS D 54 -7.96 20.17 9.71
C LYS D 54 -7.69 21.12 10.87
N GLU D 55 -7.09 20.59 11.93
CA GLU D 55 -6.78 21.36 13.11
C GLU D 55 -5.48 22.16 13.06
N MET D 56 -4.45 21.60 12.44
CA MET D 56 -3.15 22.28 12.34
C MET D 56 -2.68 22.54 10.91
N GLY D 57 -3.44 22.07 9.93
CA GLY D 57 -3.06 22.25 8.54
C GLY D 57 -2.78 23.67 8.08
N GLY D 58 -3.17 24.65 8.88
CA GLY D 58 -2.94 26.02 8.48
C GLY D 58 -1.54 26.51 8.76
N HIS D 59 -0.70 25.66 9.34
CA HIS D 59 0.66 26.07 9.66
C HIS D 59 1.75 25.00 9.59
N HIS D 60 2.95 25.48 9.90
CA HIS D 60 4.17 24.69 9.92
C HIS D 60 4.10 23.85 11.18
N ILE D 61 4.47 22.58 11.06
CA ILE D 61 4.39 21.68 12.19
C ILE D 61 5.67 20.89 12.42
N VAL D 62 5.92 20.55 13.68
CA VAL D 62 7.06 19.75 14.04
C VAL D 62 6.46 18.46 14.62
N ALA D 63 6.77 17.34 13.99
CA ALA D 63 6.25 16.05 14.46
C ALA D 63 7.28 15.40 15.36
N LEU D 64 6.92 15.19 16.61
CA LEU D 64 7.82 14.58 17.58
C LEU D 64 7.41 13.13 17.84
N CYS D 65 8.28 12.22 17.44
CA CYS D 65 8.03 10.80 17.60
C CYS D 65 8.55 10.28 18.94
N VAL D 66 7.67 9.62 19.70
CA VAL D 66 8.09 9.06 20.97
C VAL D 66 8.56 7.64 20.77
N LEU D 67 9.87 7.47 20.71
CA LEU D 67 10.50 6.16 20.52
C LEU D 67 10.38 5.36 21.82
N LYS D 68 10.38 4.03 21.73
CA LYS D 68 10.47 3.33 20.46
C LYS D 68 9.06 2.98 19.97
N GLY D 69 8.16 2.79 20.92
CA GLY D 69 6.80 2.40 20.59
C GLY D 69 6.00 3.15 19.55
N GLY D 70 6.27 4.44 19.40
CA GLY D 70 5.51 5.21 18.44
C GLY D 70 6.03 5.27 17.02
N TYR D 71 7.16 4.61 16.76
CA TYR D 71 7.77 4.66 15.44
C TYR D 71 6.87 4.26 14.27
N LYS D 72 6.10 3.19 14.40
CA LYS D 72 5.21 2.75 13.32
C LYS D 72 4.07 3.74 13.06
N PHE D 73 3.36 4.09 14.13
CA PHE D 73 2.25 5.03 14.04
C PHE D 73 2.71 6.40 13.51
N PHE D 74 3.89 6.81 13.96
CA PHE D 74 4.49 8.07 13.54
C PHE D 74 4.74 8.04 12.04
N ALA D 75 5.36 6.96 11.57
CA ALA D 75 5.67 6.81 10.16
C ALA D 75 4.42 6.82 9.28
N ASP D 76 3.42 6.04 9.68
CA ASP D 76 2.20 5.94 8.90
C ASP D 76 1.31 7.18 8.95
N LEU D 77 1.24 7.83 10.09
CA LEU D 77 0.43 9.02 10.21
C LEU D 77 1.04 10.12 9.34
N LEU D 78 2.36 10.22 9.35
CA LEU D 78 3.02 11.24 8.55
C LEU D 78 2.85 10.95 7.06
N ASP D 79 2.90 9.68 6.69
CA ASP D 79 2.72 9.30 5.29
C ASP D 79 1.34 9.74 4.81
N TYR D 80 0.31 9.49 5.60
CA TYR D 80 -1.05 9.90 5.22
C TYR D 80 -1.18 11.43 5.16
N ILE D 81 -0.43 12.12 6.02
CA ILE D 81 -0.47 13.58 6.03
C ILE D 81 0.22 14.08 4.76
N LYS D 82 1.27 13.38 4.34
CA LYS D 82 1.99 13.76 3.14
C LYS D 82 1.12 13.50 1.90
N ALA D 83 0.30 12.44 1.95
CA ALA D 83 -0.58 12.09 0.85
C ALA D 83 -1.58 13.23 0.65
N LEU D 84 -1.99 13.85 1.74
CA LEU D 84 -2.93 14.98 1.69
C LEU D 84 -2.20 16.21 1.16
N ASN D 85 -0.96 16.39 1.62
CA ASN D 85 -0.15 17.53 1.24
C ASN D 85 0.12 17.63 -0.27
N ARG D 86 0.41 16.49 -0.91
CA ARG D 86 0.72 16.46 -2.33
C ARG D 86 -0.48 16.24 -3.26
N ASN D 87 -1.69 16.23 -2.71
CA ASN D 87 -2.89 16.00 -3.50
C ASN D 87 -3.96 17.06 -3.29
N SER D 88 -3.52 18.25 -2.88
CA SER D 88 -4.39 19.39 -2.66
C SER D 88 -3.47 20.54 -2.27
N ASP D 89 -3.96 21.77 -2.39
CA ASP D 89 -3.16 22.94 -2.01
C ASP D 89 -3.02 22.95 -0.50
N ARG D 90 -3.89 22.21 0.18
CA ARG D 90 -3.87 22.10 1.63
C ARG D 90 -2.53 21.48 2.00
N SER D 91 -1.61 22.32 2.50
CA SER D 91 -0.28 21.85 2.87
C SER D 91 0.11 22.19 4.31
N ILE D 92 0.65 21.20 5.01
CA ILE D 92 1.13 21.37 6.37
C ILE D 92 2.61 21.03 6.35
N PRO D 93 3.49 22.02 6.10
CA PRO D 93 4.92 21.71 6.08
C PRO D 93 5.30 21.04 7.40
N MET D 94 6.08 19.96 7.31
CA MET D 94 6.50 19.23 8.50
C MET D 94 7.99 18.99 8.60
N THR D 95 8.49 19.06 9.81
CA THR D 95 9.88 18.76 10.09
C THR D 95 9.69 17.68 11.14
N VAL D 96 10.62 16.74 11.26
CA VAL D 96 10.43 15.68 12.23
C VAL D 96 11.50 15.60 13.30
N ASP D 97 11.08 15.16 14.49
CA ASP D 97 11.99 15.01 15.61
C ASP D 97 11.69 13.72 16.36
N PHE D 98 12.69 13.20 17.04
CA PHE D 98 12.54 11.97 17.79
C PHE D 98 13.06 12.17 19.20
N ILE D 99 12.36 11.60 20.16
CA ILE D 99 12.78 11.62 21.55
C ILE D 99 12.44 10.23 22.05
N ARG D 100 13.32 9.65 22.85
CA ARG D 100 13.06 8.31 23.36
C ARG D 100 12.90 8.34 24.87
N LEU D 101 11.79 7.82 25.35
CA LEU D 101 11.50 7.75 26.78
C LEU D 101 11.35 6.27 27.15
N LYS D 102 11.79 5.90 28.34
CA LYS D 102 11.70 4.51 28.78
C LYS D 102 11.24 4.40 30.22
N SER D 103 10.40 3.41 30.52
CA SER D 103 9.91 3.23 31.88
C SER D 103 9.27 1.86 32.13
N TYR D 104 9.01 1.10 31.07
CA TYR D 104 8.40 -0.20 31.24
C TYR D 104 9.37 -1.37 31.34
N CYS D 105 8.92 -2.39 32.04
CA CYS D 105 9.65 -3.64 32.24
C CYS D 105 8.54 -4.66 32.26
N ASN D 106 8.64 -5.65 31.38
CA ASN D 106 7.62 -6.67 31.27
C ASN D 106 6.33 -5.93 30.91
N ASP D 107 5.30 -6.04 31.74
CA ASP D 107 4.04 -5.36 31.44
C ASP D 107 3.61 -4.31 32.46
N GLN D 108 4.58 -3.76 33.20
CA GLN D 108 4.26 -2.75 34.20
C GLN D 108 5.21 -1.57 34.09
N SER D 109 4.73 -0.38 34.43
CA SER D 109 5.57 0.81 34.39
C SER D 109 6.39 0.82 35.67
N THR D 110 7.69 1.04 35.55
CA THR D 110 8.54 1.10 36.74
C THR D 110 8.21 2.38 37.49
N GLY D 111 7.51 3.30 36.83
CA GLY D 111 7.15 4.56 37.44
C GLY D 111 8.25 5.59 37.23
N ASP D 112 9.38 5.13 36.72
CA ASP D 112 10.54 5.98 36.47
C ASP D 112 10.75 6.23 34.98
N ILE D 113 10.22 7.34 34.48
CA ILE D 113 10.34 7.68 33.06
C ILE D 113 11.70 8.30 32.74
N LYS D 114 12.58 7.51 32.14
CA LYS D 114 13.91 7.98 31.79
C LYS D 114 13.97 8.48 30.35
N VAL D 115 14.60 9.63 30.16
CA VAL D 115 14.74 10.18 28.82
C VAL D 115 16.06 9.60 28.32
N ILE D 116 15.96 8.51 27.56
CA ILE D 116 17.14 7.85 27.02
C ILE D 116 17.61 8.58 25.78
N GLY D 117 17.87 9.88 25.94
CA GLY D 117 18.31 10.69 24.81
C GLY D 117 17.17 11.49 24.23
N GLY D 118 17.23 12.81 24.40
CA GLY D 118 16.19 13.67 23.87
C GLY D 118 16.02 14.98 24.61
N ASP D 119 16.89 15.94 24.32
CA ASP D 119 16.81 17.27 24.95
C ASP D 119 17.00 18.30 23.84
N ASP D 120 16.99 17.80 22.60
CA ASP D 120 17.13 18.64 21.40
C ASP D 120 15.85 19.45 21.35
N LEU D 121 15.09 19.39 22.43
CA LEU D 121 13.80 20.06 22.59
C LEU D 121 13.84 21.59 22.49
N SER D 122 15.03 22.17 22.57
CA SER D 122 15.16 23.62 22.48
C SER D 122 14.69 24.10 21.11
N THR D 123 14.80 23.23 20.11
CA THR D 123 14.40 23.58 18.76
C THR D 123 12.88 23.68 18.62
N LEU D 124 12.17 23.34 19.68
CA LEU D 124 10.71 23.38 19.69
C LEU D 124 10.15 24.76 20.05
N THR D 125 10.99 25.64 20.57
CA THR D 125 10.54 26.97 20.98
C THR D 125 9.88 27.72 19.83
N GLY D 126 8.70 28.27 20.11
CA GLY D 126 7.95 29.01 19.12
C GLY D 126 7.29 28.16 18.05
N LYS D 127 7.49 26.85 18.11
CA LYS D 127 6.91 25.96 17.12
C LYS D 127 5.63 25.28 17.55
N ASN D 128 4.89 24.79 16.56
CA ASN D 128 3.65 24.07 16.80
C ASN D 128 4.04 22.61 16.81
N VAL D 129 3.89 21.97 17.96
CA VAL D 129 4.29 20.58 18.12
C VAL D 129 3.16 19.56 18.09
N LEU D 130 3.39 18.47 17.36
CA LEU D 130 2.44 17.37 17.29
C LEU D 130 3.23 16.18 17.82
N ILE D 131 2.93 15.76 19.05
CA ILE D 131 3.60 14.62 19.64
C ILE D 131 2.86 13.38 19.16
N VAL D 132 3.60 12.38 18.67
CA VAL D 132 3.00 11.15 18.16
C VAL D 132 3.45 10.01 19.06
N GLU D 133 2.49 9.42 19.78
CA GLU D 133 2.77 8.34 20.71
C GLU D 133 1.95 7.10 20.43
N ASP D 134 2.43 5.95 20.90
CA ASP D 134 1.74 4.69 20.67
C ASP D 134 0.54 4.45 21.57
N ILE D 135 0.69 4.69 22.87
CA ILE D 135 -0.40 4.44 23.78
C ILE D 135 -0.32 5.19 25.11
N ILE D 136 -1.47 5.68 25.55
CA ILE D 136 -1.57 6.35 26.85
C ILE D 136 -2.13 5.29 27.80
N ASP D 137 -1.33 4.91 28.79
CA ASP D 137 -1.74 3.90 29.77
C ASP D 137 -1.98 4.58 31.12
N THR D 138 -0.95 4.66 31.95
CA THR D 138 -1.07 5.31 33.25
C THR D 138 -1.00 6.83 33.01
N GLY D 139 -0.47 7.21 31.86
CA GLY D 139 -0.35 8.61 31.51
C GLY D 139 0.93 9.29 32.00
N LYS D 140 1.77 8.57 32.74
CA LYS D 140 3.01 9.14 33.25
C LYS D 140 3.98 9.62 32.19
N THR D 141 4.14 8.81 31.14
CA THR D 141 5.04 9.15 30.04
C THR D 141 4.67 10.50 29.39
N MET D 142 3.43 10.61 28.92
CA MET D 142 2.96 11.81 28.26
C MET D 142 2.96 13.02 29.18
N GLN D 143 2.64 12.79 30.45
CA GLN D 143 2.61 13.84 31.44
C GLN D 143 4.03 14.37 31.59
N THR D 144 4.98 13.45 31.61
CA THR D 144 6.40 13.79 31.73
C THR D 144 6.88 14.52 30.48
N LEU D 145 6.51 13.99 29.32
CA LEU D 145 6.92 14.57 28.05
C LEU D 145 6.35 15.97 27.86
N LEU D 146 5.08 16.13 28.22
CA LEU D 146 4.44 17.43 28.08
C LEU D 146 5.14 18.47 28.94
N SER D 147 5.52 18.07 30.16
CA SER D 147 6.20 18.97 31.08
C SER D 147 7.56 19.36 30.50
N LEU D 148 8.24 18.36 29.94
CA LEU D 148 9.55 18.56 29.33
C LEU D 148 9.49 19.53 28.16
N VAL D 149 8.54 19.29 27.26
CA VAL D 149 8.37 20.15 26.09
C VAL D 149 7.93 21.59 26.47
N ARG D 150 7.06 21.70 27.47
CA ARG D 150 6.59 23.02 27.90
C ARG D 150 7.73 23.89 28.40
N GLN D 151 8.81 23.25 28.84
CA GLN D 151 9.98 23.97 29.35
C GLN D 151 10.61 24.81 28.25
N TYR D 152 10.41 24.40 26.99
CA TYR D 152 10.98 25.11 25.84
C TYR D 152 10.06 26.10 25.13
N ASN D 153 8.93 26.41 25.73
CA ASN D 153 7.99 27.38 25.17
C ASN D 153 7.53 27.18 23.72
N PRO D 154 6.96 26.02 23.41
CA PRO D 154 6.50 25.84 22.03
C PRO D 154 5.29 26.76 21.84
N LYS D 155 4.91 27.03 20.59
CA LYS D 155 3.76 27.90 20.33
C LYS D 155 2.49 27.17 20.73
N MET D 156 2.42 25.90 20.39
CA MET D 156 1.26 25.08 20.71
C MET D 156 1.71 23.63 20.72
N VAL D 157 0.97 22.79 21.43
CA VAL D 157 1.31 21.38 21.51
C VAL D 157 0.06 20.52 21.48
N LYS D 158 0.02 19.58 20.54
CA LYS D 158 -1.11 18.68 20.42
C LYS D 158 -0.55 17.26 20.48
N VAL D 159 -1.32 16.34 21.02
CA VAL D 159 -0.88 14.96 21.12
C VAL D 159 -1.81 13.97 20.42
N ALA D 160 -1.20 13.09 19.64
CA ALA D 160 -1.95 12.06 18.94
C ALA D 160 -1.39 10.74 19.42
N SER D 161 -2.26 9.92 20.01
CA SER D 161 -1.87 8.62 20.51
C SER D 161 -2.73 7.56 19.81
N LEU D 162 -2.08 6.56 19.23
CA LEU D 162 -2.84 5.53 18.53
C LEU D 162 -3.83 4.90 19.48
N LEU D 163 -3.39 4.59 20.70
CA LEU D 163 -4.24 3.96 21.69
C LEU D 163 -4.33 4.69 23.03
N VAL D 164 -5.44 4.47 23.70
CA VAL D 164 -5.70 5.01 25.03
C VAL D 164 -6.32 3.80 25.75
N LYS D 165 -5.70 3.38 26.84
CA LYS D 165 -6.20 2.24 27.57
C LYS D 165 -7.16 2.66 28.68
N ARG D 166 -8.25 1.90 28.84
CA ARG D 166 -9.23 2.15 29.89
C ARG D 166 -8.70 1.33 31.06
N THR D 167 -8.07 2.01 32.03
CA THR D 167 -7.50 1.31 33.18
C THR D 167 -7.62 2.13 34.46
N PRO D 168 -7.86 1.46 35.59
CA PRO D 168 -7.98 2.19 36.86
C PRO D 168 -6.67 2.93 37.15
N ARG D 169 -5.57 2.39 36.63
CA ARG D 169 -4.25 2.98 36.84
C ARG D 169 -4.02 4.31 36.14
N SER D 170 -4.86 4.64 35.17
CA SER D 170 -4.68 5.89 34.43
C SER D 170 -4.75 7.15 35.30
N VAL D 171 -4.02 8.17 34.87
CA VAL D 171 -3.97 9.45 35.55
C VAL D 171 -5.16 10.31 35.12
N GLY D 172 -5.68 10.01 33.93
CA GLY D 172 -6.82 10.76 33.43
C GLY D 172 -6.49 11.59 32.21
N TYR D 173 -5.24 11.53 31.76
CA TYR D 173 -4.84 12.31 30.59
C TYR D 173 -5.55 11.82 29.33
N LYS D 174 -5.95 12.76 28.49
CA LYS D 174 -6.63 12.43 27.23
C LYS D 174 -5.99 13.23 26.09
N PRO D 175 -5.43 12.52 25.10
CA PRO D 175 -4.78 13.18 23.96
C PRO D 175 -5.77 13.93 23.08
N ASP D 176 -5.24 14.72 22.14
CA ASP D 176 -6.07 15.49 21.22
C ASP D 176 -6.63 14.61 20.12
N PHE D 177 -5.85 13.61 19.72
CA PHE D 177 -6.27 12.68 18.69
C PHE D 177 -6.07 11.29 19.25
N VAL D 178 -7.03 10.41 18.99
CA VAL D 178 -6.95 9.05 19.49
C VAL D 178 -7.47 8.07 18.46
N GLY D 179 -6.65 7.06 18.17
CA GLY D 179 -7.04 6.06 17.21
C GLY D 179 -8.04 5.08 17.80
N PHE D 180 -7.61 4.37 18.84
CA PHE D 180 -8.47 3.37 19.48
C PHE D 180 -8.45 3.42 21.01
N GLU D 181 -9.62 3.24 21.62
CA GLU D 181 -9.73 3.19 23.08
C GLU D 181 -9.88 1.70 23.34
N ILE D 182 -8.93 1.13 24.07
CA ILE D 182 -8.94 -0.31 24.33
C ILE D 182 -9.12 -0.74 25.79
N PRO D 183 -9.44 -2.02 26.00
CA PRO D 183 -9.63 -2.58 27.33
C PRO D 183 -8.29 -2.67 28.07
N ASP D 184 -8.34 -2.96 29.36
CA ASP D 184 -7.11 -3.07 30.13
C ASP D 184 -6.32 -4.32 29.82
N LYS D 185 -5.69 -4.35 28.66
CA LYS D 185 -4.86 -5.48 28.27
C LYS D 185 -3.51 -5.01 27.73
N PHE D 186 -2.45 -5.77 28.02
CA PHE D 186 -1.12 -5.40 27.52
C PHE D 186 -1.02 -5.90 26.09
N VAL D 187 -1.10 -4.97 25.14
CA VAL D 187 -1.03 -5.28 23.72
C VAL D 187 0.40 -5.16 23.21
N VAL D 188 0.67 -5.83 22.10
CA VAL D 188 1.98 -5.79 21.47
C VAL D 188 1.77 -5.76 19.95
N GLY D 189 2.82 -5.43 19.21
CA GLY D 189 2.71 -5.36 17.77
C GLY D 189 2.66 -3.92 17.30
N TYR D 190 2.85 -3.71 16.00
CA TYR D 190 2.82 -2.37 15.44
C TYR D 190 3.81 -1.45 16.18
N ALA D 191 5.01 -1.97 16.41
CA ALA D 191 6.11 -1.28 17.11
C ALA D 191 6.00 -1.31 18.63
N LEU D 192 4.87 -1.76 19.16
CA LEU D 192 4.70 -1.85 20.61
C LEU D 192 5.30 -3.21 21.01
N ASP D 193 6.13 -3.20 22.06
CA ASP D 193 6.83 -4.41 22.48
C ASP D 193 6.52 -4.97 23.85
N TYR D 194 7.16 -6.11 24.12
CA TYR D 194 7.12 -6.78 25.41
C TYR D 194 8.59 -7.12 25.60
N ASN D 195 9.29 -6.30 26.37
CA ASN D 195 10.71 -6.51 26.60
C ASN D 195 11.47 -6.58 25.27
N GLU D 196 11.19 -5.61 24.39
CA GLU D 196 11.80 -5.48 23.06
C GLU D 196 11.26 -6.40 21.97
N TYR D 197 10.45 -7.40 22.33
CA TYR D 197 9.90 -8.32 21.33
C TYR D 197 8.51 -7.89 20.88
N PHE D 198 8.09 -8.43 19.74
CA PHE D 198 6.78 -8.16 19.15
C PHE D 198 6.68 -6.83 18.42
N ARG D 199 7.81 -6.16 18.24
CA ARG D 199 7.79 -4.88 17.54
C ARG D 199 7.63 -5.16 16.04
N ASP D 200 8.23 -6.27 15.61
CA ASP D 200 8.20 -6.71 14.22
C ASP D 200 6.94 -7.52 14.02
N LEU D 201 5.80 -6.85 14.17
CA LEU D 201 4.50 -7.48 14.04
C LEU D 201 3.51 -6.45 13.52
N ASN D 202 2.83 -6.79 12.43
CA ASN D 202 1.85 -5.92 11.77
C ASN D 202 0.62 -5.57 12.61
N HIS D 203 0.02 -6.60 13.19
CA HIS D 203 -1.19 -6.42 13.98
C HIS D 203 -0.98 -6.22 15.47
N VAL D 204 -1.85 -5.44 16.08
CA VAL D 204 -1.77 -5.23 17.52
C VAL D 204 -2.44 -6.49 18.09
N CYS D 205 -1.70 -7.23 18.90
CA CYS D 205 -2.20 -8.46 19.49
C CYS D 205 -2.08 -8.51 21.01
N VAL D 206 -2.76 -9.47 21.60
CA VAL D 206 -2.71 -9.67 23.03
C VAL D 206 -1.71 -10.81 23.24
N ILE D 207 -0.77 -10.57 24.15
CA ILE D 207 0.27 -11.53 24.44
C ILE D 207 -0.24 -12.67 25.30
N SER D 208 0.04 -13.91 24.89
CA SER D 208 -0.42 -15.06 25.67
C SER D 208 0.35 -15.10 26.99
N GLU D 209 0.25 -16.24 27.68
CA GLU D 209 0.95 -16.41 28.95
C GLU D 209 2.28 -17.08 28.67
N THR D 210 2.31 -17.88 27.61
CA THR D 210 3.53 -18.57 27.24
C THR D 210 4.53 -17.56 26.69
N GLY D 211 4.02 -16.58 25.95
CA GLY D 211 4.88 -15.55 25.41
C GLY D 211 5.34 -14.66 26.54
N LYS D 212 4.43 -14.35 27.45
CA LYS D 212 4.76 -13.50 28.59
C LYS D 212 5.91 -14.10 29.41
N ALA D 213 5.90 -15.42 29.53
CA ALA D 213 6.93 -16.13 30.28
C ALA D 213 8.19 -16.28 29.44
N LYS D 214 8.03 -16.72 28.20
CA LYS D 214 9.17 -16.92 27.31
C LYS D 214 10.07 -15.70 27.18
N TYR D 215 9.48 -14.51 27.12
CA TYR D 215 10.25 -13.27 26.95
C TYR D 215 10.33 -12.43 28.22
N LYS D 216 9.88 -12.98 29.35
CA LYS D 216 9.90 -12.27 30.62
C LYS D 216 11.30 -11.75 30.92
N ALA D 217 11.39 -10.52 31.42
CA ALA D 217 12.68 -9.92 31.75
C ALA D 217 13.35 -10.67 32.89
#